data_5NRO
#
_entry.id   5NRO
#
_cell.length_a   127.246
_cell.length_b   127.246
_cell.length_c   252.885
_cell.angle_alpha   90.00
_cell.angle_beta   90.00
_cell.angle_gamma   120.00
#
_symmetry.space_group_name_H-M   'P 62 2 2'
#
loop_
_entity.id
_entity.type
_entity.pdbx_description
1 polymer 'Chaperone protein DnaK'
2 polymer 'Chaperone protein DnaJ'
3 non-polymer "ADENOSINE-5'-TRIPHOSPHATE"
4 non-polymer 'MAGNESIUM ION'
5 water water
#
loop_
_entity_poly.entity_id
_entity_poly.type
_entity_poly.pdbx_seq_one_letter_code
_entity_poly.pdbx_strand_id
1 'polypeptide(L)'
;MGKIIGIDLGTTNSCVAIMDGTTPRVLENAEGDRTTPSIIAYTQDGCTLVGQPAKRQAVTNPQNTLFAIKRLIGRRFQDE
EVQRDVSIMPFKIIAADNGDAWVEVKGQKMAPPQISAEVLKKMKKTAEDYLGEPVTEAVITVPAYFNDAQRQATKDAGRI
AGLEVKRIINEPTAAALAYGLDKGTGNRTIAVYDLGGGAFDISIIEIDEVDGEKTFEVLATNGDTHLGGEDFDSRLINYL
VEEFKKDQGIDLRNDPLAMQRLKEAAEKAKIELSSAQQTDVNLPYITADATGPKHMNIKVTRAKLESLVEDLVNRSIEPL
KVALQDAGLSVSDIDDVILVGGQTRMPMVQKKVAEFFGKEPRKDVNPDEAVAIGAAVQGGVLTGDVKDVLLLDVTPLSLG
IETMGGVMTTLIAKNTTIPTKHSQVFSTAEDNQSAVTIHVLQGERKRAADNKSLGQFNLDGINPAPRGMPQIEVTFDIDA
DGILHVSAKDKNSGKEQKITIKASSGLNEDEIQKMVRDAEANAEADRKCEELVQTRNQGDHLLHSTRKQVEEAGDKLPAD
DKTAIESALTALETALKGEDKAAIEAKMQELAQVSQKLMEIAQQQHHHHHH
;
A
2 'polypeptide(L)'
;MAKQDYYEILGVSKTAEEREIRKAYKRLAMKYHPDRNQGDKEAEAKFKEIKEAYEVLTDSQKRAAYDQYGHAAFEQGGMG
GGGFGGGADFSDIFGDVFGDIFGGGSSH
;
B
#
loop_
_chem_comp.id
_chem_comp.type
_chem_comp.name
_chem_comp.formula
ATP non-polymer ADENOSINE-5'-TRIPHOSPHATE 'C10 H16 N5 O13 P3'
MG non-polymer 'MAGNESIUM ION' 'Mg 2'
#
# COMPACT_ATOMS: atom_id res chain seq x y z
N GLY A 2 -4.01 -18.28 -14.75
CA GLY A 2 -2.73 -18.25 -14.07
C GLY A 2 -2.88 -18.32 -12.56
N LYS A 3 -1.92 -17.74 -11.85
CA LYS A 3 -1.93 -17.70 -10.40
C LYS A 3 -2.02 -16.25 -9.93
N ILE A 4 -2.64 -16.05 -8.78
CA ILE A 4 -2.88 -14.72 -8.22
C ILE A 4 -1.96 -14.55 -7.02
N ILE A 5 -0.94 -13.70 -7.15
CA ILE A 5 0.02 -13.51 -6.09
C ILE A 5 -0.50 -12.46 -5.12
N GLY A 6 -0.01 -12.50 -3.88
CA GLY A 6 -0.42 -11.55 -2.85
C GLY A 6 0.70 -10.58 -2.52
N ILE A 7 0.36 -9.29 -2.52
CA ILE A 7 1.35 -8.22 -2.37
C ILE A 7 0.92 -7.28 -1.23
N ASP A 8 1.69 -7.28 -0.15
CA ASP A 8 1.62 -6.27 0.89
C ASP A 8 2.48 -5.10 0.45
N LEU A 9 1.83 -4.02 0.02
CA LEU A 9 2.51 -2.81 -0.45
C LEU A 9 2.56 -1.83 0.72
N GLY A 10 3.67 -1.86 1.44
CA GLY A 10 3.79 -1.07 2.65
C GLY A 10 4.32 0.33 2.43
N THR A 11 4.11 1.17 3.43
CA THR A 11 4.71 2.50 3.43
C THR A 11 6.23 2.39 3.50
N THR A 12 6.74 1.43 4.27
CA THR A 12 8.15 1.24 4.52
C THR A 12 8.72 -0.01 3.85
N ASN A 13 8.07 -1.15 4.00
CA ASN A 13 8.53 -2.40 3.42
C ASN A 13 7.40 -3.09 2.68
N SER A 14 7.74 -3.74 1.57
CA SER A 14 6.78 -4.51 0.80
C SER A 14 7.13 -5.99 0.88
N CYS A 15 6.16 -6.83 0.52
CA CYS A 15 6.28 -8.26 0.75
C CYS A 15 5.35 -8.97 -0.22
N VAL A 16 5.80 -10.10 -0.77
CA VAL A 16 4.99 -10.88 -1.69
C VAL A 16 4.96 -12.32 -1.23
N ALA A 17 3.75 -12.89 -1.16
CA ALA A 17 3.57 -14.28 -0.80
C ALA A 17 2.64 -14.92 -1.82
N ILE A 18 2.79 -16.23 -2.00
CA ILE A 18 2.00 -16.96 -2.99
C ILE A 18 1.47 -18.23 -2.36
N MET A 19 0.62 -18.92 -3.12
CA MET A 19 -0.05 -20.13 -2.66
C MET A 19 0.60 -21.35 -3.32
N ASP A 20 1.69 -21.81 -2.72
CA ASP A 20 2.03 -23.22 -2.83
C ASP A 20 0.81 -24.00 -2.41
N GLY A 21 0.35 -24.90 -3.27
CA GLY A 21 -0.88 -25.65 -3.04
C GLY A 21 -1.07 -26.06 -1.60
N THR A 22 -2.10 -25.48 -0.96
CA THR A 22 -2.54 -25.69 0.41
C THR A 22 -1.66 -24.98 1.44
N THR A 23 -0.48 -24.49 1.08
CA THR A 23 0.34 -23.81 2.08
C THR A 23 0.98 -22.55 1.51
N PRO A 24 0.50 -21.37 1.88
CA PRO A 24 1.11 -20.13 1.39
C PRO A 24 2.51 -19.94 1.94
N ARG A 25 3.37 -19.32 1.13
CA ARG A 25 4.72 -19.01 1.56
C ARG A 25 5.14 -17.66 1.02
N VAL A 26 5.91 -16.94 1.83
CA VAL A 26 6.52 -15.67 1.42
C VAL A 26 7.80 -15.98 0.66
N LEU A 27 8.06 -15.17 -0.37
CA LEU A 27 9.19 -15.39 -1.27
C LEU A 27 10.30 -14.40 -0.99
N GLU A 28 11.52 -14.90 -0.85
CA GLU A 28 12.68 -14.01 -0.75
C GLU A 28 12.92 -13.34 -2.10
N ASN A 29 13.37 -12.08 -2.04
CA ASN A 29 13.64 -11.34 -3.26
C ASN A 29 15.00 -11.74 -3.85
N ALA A 30 15.52 -10.93 -4.77
CA ALA A 30 16.81 -11.24 -5.38
C ALA A 30 17.91 -11.30 -4.34
N GLU A 31 17.95 -10.31 -3.43
CA GLU A 31 18.98 -10.26 -2.42
C GLU A 31 18.80 -11.28 -1.30
N GLY A 32 17.77 -12.12 -1.37
CA GLY A 32 17.52 -13.08 -0.33
C GLY A 32 16.75 -12.57 0.86
N ASP A 33 16.18 -11.37 0.77
CA ASP A 33 15.36 -10.81 1.84
C ASP A 33 13.90 -11.18 1.58
N ARG A 34 13.18 -11.51 2.65
CA ARG A 34 11.75 -11.78 2.50
C ARG A 34 10.96 -10.50 2.29
N THR A 35 11.44 -9.39 2.84
CA THR A 35 10.78 -8.10 2.76
C THR A 35 11.66 -7.14 1.97
N THR A 36 11.05 -6.46 1.01
CA THR A 36 11.79 -5.53 0.17
C THR A 36 11.46 -4.11 0.55
N PRO A 37 12.46 -3.27 0.83
CA PRO A 37 12.18 -1.87 1.11
C PRO A 37 11.39 -1.22 0.00
N SER A 38 10.50 -0.31 0.37
CA SER A 38 9.64 0.39 -0.60
C SER A 38 10.27 1.72 -0.99
N ILE A 39 11.47 1.62 -1.56
CA ILE A 39 12.25 2.77 -1.99
C ILE A 39 12.54 2.63 -3.47
N ILE A 40 12.49 3.75 -4.19
CA ILE A 40 12.60 3.75 -5.64
C ILE A 40 13.56 4.85 -6.06
N ALA A 41 14.67 4.48 -6.68
CA ALA A 41 15.70 5.43 -7.10
C ALA A 41 15.78 5.47 -8.61
N TYR A 42 16.04 6.66 -9.14
CA TYR A 42 16.22 6.86 -10.58
C TYR A 42 17.65 7.35 -10.81
N THR A 43 18.49 6.47 -11.37
CA THR A 43 19.90 6.77 -11.56
C THR A 43 20.09 7.73 -12.72
N GLN A 44 21.32 8.27 -12.80
CA GLN A 44 21.68 9.10 -13.94
C GLN A 44 21.69 8.31 -15.23
N ASP A 45 22.05 7.02 -15.16
CA ASP A 45 22.27 6.21 -16.34
C ASP A 45 20.98 5.66 -16.95
N GLY A 46 19.84 5.88 -16.30
CA GLY A 46 18.57 5.43 -16.84
C GLY A 46 18.00 4.18 -16.20
N CYS A 47 18.76 3.53 -15.32
CA CYS A 47 18.27 2.37 -14.59
C CYS A 47 17.24 2.80 -13.55
N THR A 48 16.60 1.81 -12.93
CA THR A 48 15.65 2.03 -11.85
C THR A 48 15.98 1.06 -10.73
N LEU A 49 16.22 1.58 -9.54
CA LEU A 49 16.57 0.76 -8.38
C LEU A 49 15.37 0.68 -7.44
N VAL A 50 15.11 -0.52 -6.93
CA VAL A 50 14.01 -0.74 -6.02
C VAL A 50 14.53 -1.56 -4.84
N GLY A 51 14.27 -1.08 -3.62
CA GLY A 51 14.64 -1.81 -2.44
C GLY A 51 16.00 -1.44 -1.89
N GLN A 52 16.74 -2.44 -1.43
CA GLN A 52 18.03 -2.20 -0.79
C GLN A 52 19.04 -1.47 -1.66
N PRO A 53 19.14 -1.69 -2.98
CA PRO A 53 20.06 -0.86 -3.77
C PRO A 53 19.72 0.62 -3.71
N ALA A 54 18.45 0.95 -3.96
CA ALA A 54 17.98 2.32 -3.81
C ALA A 54 18.33 2.86 -2.44
N LYS A 55 18.09 2.08 -1.40
CA LYS A 55 18.42 2.51 -0.04
C LYS A 55 19.91 2.81 0.08
N ARG A 56 20.75 2.04 -0.62
CA ARG A 56 22.19 2.25 -0.52
C ARG A 56 22.61 3.56 -1.17
N GLN A 57 22.12 3.85 -2.38
CA GLN A 57 22.61 5.01 -3.11
C GLN A 57 21.82 6.29 -2.82
N ALA A 58 21.01 6.31 -1.76
CA ALA A 58 20.17 7.49 -1.52
C ALA A 58 21.01 8.71 -1.15
N VAL A 59 22.17 8.51 -0.52
CA VAL A 59 22.93 9.65 -0.01
C VAL A 59 23.55 10.44 -1.15
N THR A 60 23.90 9.79 -2.25
CA THR A 60 24.47 10.46 -3.40
C THR A 60 23.42 10.93 -4.40
N ASN A 61 22.18 10.48 -4.28
CA ASN A 61 21.09 10.86 -5.18
C ASN A 61 19.85 11.19 -4.38
N PRO A 62 19.91 12.20 -3.50
CA PRO A 62 18.80 12.44 -2.58
C PRO A 62 17.54 12.91 -3.28
N GLN A 63 17.66 13.80 -4.27
CA GLN A 63 16.51 14.38 -4.92
C GLN A 63 15.75 13.38 -5.80
N ASN A 64 16.36 12.25 -6.15
CA ASN A 64 15.74 11.29 -7.04
C ASN A 64 15.51 9.94 -6.37
N THR A 65 15.61 9.88 -5.05
CA THR A 65 15.32 8.66 -4.30
C THR A 65 14.01 8.87 -3.55
N LEU A 66 12.96 8.21 -4.01
CA LEU A 66 11.62 8.37 -3.50
C LEU A 66 11.28 7.29 -2.49
N PHE A 67 10.66 7.69 -1.39
CA PHE A 67 10.23 6.77 -0.34
C PHE A 67 8.95 7.31 0.27
N ALA A 68 8.29 6.46 1.06
CA ALA A 68 7.05 6.83 1.73
C ALA A 68 6.02 7.39 0.75
N ILE A 69 6.02 6.85 -0.47
CA ILE A 69 5.07 7.32 -1.48
C ILE A 69 3.65 6.94 -1.10
N LYS A 70 3.50 5.88 -0.29
CA LYS A 70 2.17 5.51 0.19
C LYS A 70 1.52 6.64 0.97
N ARG A 71 2.32 7.51 1.58
CA ARG A 71 1.79 8.66 2.31
C ARG A 71 1.54 9.87 1.42
N LEU A 72 1.63 9.71 0.11
CA LEU A 72 1.19 10.73 -0.84
C LEU A 72 0.14 10.24 -1.80
N ILE A 73 0.01 8.93 -1.99
CA ILE A 73 -0.86 8.40 -3.03
C ILE A 73 -2.32 8.74 -2.72
N GLY A 74 -3.05 9.15 -3.76
CA GLY A 74 -4.45 9.46 -3.60
C GLY A 74 -4.76 10.72 -2.83
N ARG A 75 -3.77 11.59 -2.62
CA ARG A 75 -3.95 12.81 -1.85
C ARG A 75 -3.78 14.03 -2.75
N ARG A 76 -4.27 15.16 -2.26
CA ARG A 76 -4.19 16.43 -2.96
C ARG A 76 -2.96 17.21 -2.50
N PHE A 77 -2.42 18.04 -3.39
CA PHE A 77 -1.21 18.78 -3.05
C PHE A 77 -1.45 19.75 -1.90
N GLN A 78 -2.65 20.31 -1.79
CA GLN A 78 -2.95 21.29 -0.77
C GLN A 78 -3.40 20.67 0.54
N ASP A 79 -3.48 19.35 0.62
CA ASP A 79 -3.74 18.70 1.90
C ASP A 79 -2.70 19.12 2.92
N GLU A 80 -3.11 19.26 4.17
CA GLU A 80 -2.22 19.78 5.20
C GLU A 80 -1.00 18.88 5.39
N GLU A 81 -1.25 17.58 5.56
CA GLU A 81 -0.16 16.63 5.73
C GLU A 81 0.77 16.64 4.53
N VAL A 82 0.20 16.82 3.33
CA VAL A 82 1.04 16.86 2.14
C VAL A 82 1.96 18.07 2.16
N GLN A 83 1.47 19.23 2.63
CA GLN A 83 2.31 20.40 2.71
C GLN A 83 3.43 20.21 3.75
N ARG A 84 3.06 19.71 4.93
CA ARG A 84 4.06 19.43 5.95
C ARG A 84 5.14 18.49 5.42
N ASP A 85 4.74 17.44 4.70
CA ASP A 85 5.72 16.55 4.08
C ASP A 85 6.53 17.28 3.02
N VAL A 86 5.89 18.21 2.28
CA VAL A 86 6.60 18.97 1.25
C VAL A 86 7.81 19.67 1.84
N SER A 87 7.62 20.32 2.99
CA SER A 87 8.76 21.00 3.61
C SER A 87 9.84 20.01 4.06
N ILE A 88 9.47 18.77 4.35
CA ILE A 88 10.38 17.83 5.00
C ILE A 88 11.16 16.98 4.00
N MET A 89 10.50 16.49 2.95
CA MET A 89 11.08 15.46 2.10
C MET A 89 12.28 15.97 1.31
N PRO A 90 13.24 15.10 0.99
CA PRO A 90 14.36 15.54 0.14
C PRO A 90 13.95 15.75 -1.31
N PHE A 91 13.07 14.90 -1.84
CA PHE A 91 12.61 15.07 -3.21
C PHE A 91 11.53 16.13 -3.31
N LYS A 92 11.22 16.54 -4.53
CA LYS A 92 10.34 17.67 -4.78
C LYS A 92 8.92 17.18 -4.99
N ILE A 93 8.03 17.56 -4.07
CA ILE A 93 6.60 17.32 -4.21
C ILE A 93 5.97 18.56 -4.82
N ILE A 94 5.14 18.37 -5.84
CA ILE A 94 4.56 19.46 -6.59
C ILE A 94 3.09 19.17 -6.85
N ALA A 95 2.34 20.23 -7.11
CA ALA A 95 0.95 20.08 -7.50
C ALA A 95 0.84 19.64 -8.95
N ALA A 96 -0.06 18.70 -9.22
CA ALA A 96 -0.33 18.27 -10.59
C ALA A 96 -1.18 19.32 -11.29
N ASP A 97 -1.63 19.00 -12.50
CA ASP A 97 -2.47 19.94 -13.24
C ASP A 97 -3.84 20.07 -12.59
N ASN A 98 -4.41 18.96 -12.11
CA ASN A 98 -5.72 18.98 -11.48
C ASN A 98 -5.67 19.12 -9.96
N GLY A 99 -4.49 19.39 -9.41
CA GLY A 99 -4.34 19.61 -7.98
C GLY A 99 -3.83 18.42 -7.20
N ASP A 100 -3.79 17.23 -7.80
CA ASP A 100 -3.31 16.07 -7.08
C ASP A 100 -1.83 16.21 -6.75
N ALA A 101 -1.41 15.50 -5.70
CA ALA A 101 -0.02 15.57 -5.25
C ALA A 101 0.86 14.66 -6.10
N TRP A 102 1.86 15.23 -6.74
CA TRP A 102 2.81 14.51 -7.58
C TRP A 102 4.23 14.78 -7.08
N VAL A 103 5.19 14.10 -7.71
CA VAL A 103 6.60 14.32 -7.40
C VAL A 103 7.34 14.57 -8.71
N GLU A 104 8.43 15.34 -8.62
CA GLU A 104 9.20 15.71 -9.80
C GLU A 104 10.56 15.03 -9.76
N VAL A 105 10.84 14.22 -10.77
CA VAL A 105 12.11 13.49 -10.87
C VAL A 105 12.79 13.91 -12.17
N LYS A 106 13.97 14.50 -12.05
CA LYS A 106 14.75 14.95 -13.21
C LYS A 106 13.91 15.83 -14.13
N GLY A 107 13.16 16.75 -13.54
CA GLY A 107 12.34 17.66 -14.31
C GLY A 107 11.09 17.06 -14.91
N GLN A 108 10.77 15.81 -14.60
CA GLN A 108 9.56 15.17 -15.10
C GLN A 108 8.55 15.06 -13.99
N LYS A 109 7.30 15.37 -14.30
CA LYS A 109 6.21 15.22 -13.35
C LYS A 109 5.73 13.78 -13.35
N MET A 110 5.65 13.18 -12.16
CA MET A 110 5.33 11.78 -11.99
C MET A 110 4.31 11.63 -10.88
N ALA A 111 3.29 10.79 -11.11
CA ALA A 111 2.19 10.41 -10.25
C ALA A 111 2.59 9.23 -9.38
N PRO A 112 2.15 9.26 -8.13
CA PRO A 112 2.51 8.20 -7.16
C PRO A 112 2.25 6.80 -7.67
N PRO A 113 1.15 6.55 -8.41
CA PRO A 113 0.94 5.18 -8.90
C PRO A 113 2.06 4.66 -9.79
N GLN A 114 2.83 5.52 -10.44
CA GLN A 114 3.96 5.05 -11.24
C GLN A 114 5.05 4.48 -10.35
N ILE A 115 5.44 5.26 -9.34
CA ILE A 115 6.49 4.83 -8.42
C ILE A 115 6.09 3.55 -7.69
N SER A 116 4.92 3.59 -7.04
CA SER A 116 4.41 2.37 -6.41
C SER A 116 4.31 1.22 -7.40
N ALA A 117 4.13 1.54 -8.68
CA ALA A 117 4.11 0.51 -9.71
C ALA A 117 5.49 -0.07 -9.95
N GLU A 118 6.55 0.73 -9.76
CA GLU A 118 7.89 0.16 -9.82
C GLU A 118 8.08 -0.88 -8.71
N VAL A 119 7.66 -0.53 -7.49
CA VAL A 119 7.76 -1.50 -6.39
C VAL A 119 6.96 -2.75 -6.73
N LEU A 120 5.71 -2.56 -7.17
CA LEU A 120 4.87 -3.69 -7.56
C LEU A 120 5.55 -4.54 -8.62
N LYS A 121 6.24 -3.90 -9.58
CA LYS A 121 6.92 -4.66 -10.61
C LYS A 121 8.03 -5.53 -10.02
N LYS A 122 8.75 -5.02 -9.02
CA LYS A 122 9.74 -5.87 -8.37
C LYS A 122 9.08 -7.08 -7.71
N MET A 123 7.95 -6.87 -7.04
CA MET A 123 7.27 -8.00 -6.41
C MET A 123 6.81 -9.02 -7.46
N LYS A 124 6.19 -8.53 -8.53
CA LYS A 124 5.72 -9.42 -9.60
C LYS A 124 6.86 -10.20 -10.22
N LYS A 125 8.00 -9.55 -10.45
CA LYS A 125 9.14 -10.25 -11.03
C LYS A 125 9.69 -11.32 -10.07
N THR A 126 9.70 -11.03 -8.78
CA THR A 126 10.09 -12.05 -7.81
C THR A 126 9.17 -13.27 -7.89
N ALA A 127 7.87 -13.02 -7.91
CA ALA A 127 6.92 -14.12 -8.00
C ALA A 127 7.09 -14.90 -9.30
N GLU A 128 7.38 -14.22 -10.40
CA GLU A 128 7.60 -14.91 -11.67
C GLU A 128 8.85 -15.77 -11.61
N ASP A 129 9.94 -15.21 -11.07
CA ASP A 129 11.19 -15.97 -10.94
C ASP A 129 10.98 -17.24 -10.14
N TYR A 130 10.26 -17.14 -9.01
CA TYR A 130 9.98 -18.36 -8.25
C TYR A 130 9.10 -19.31 -9.05
N LEU A 131 8.04 -18.80 -9.67
CA LEU A 131 7.06 -19.66 -10.31
C LEU A 131 7.56 -20.23 -11.63
N GLY A 132 8.45 -19.51 -12.32
CA GLY A 132 8.90 -19.95 -13.63
C GLY A 132 7.91 -19.74 -14.75
N GLU A 133 6.82 -19.03 -14.49
CA GLU A 133 5.81 -18.72 -15.48
C GLU A 133 5.35 -17.29 -15.26
N PRO A 134 4.79 -16.64 -16.28
CA PRO A 134 4.36 -15.25 -16.11
C PRO A 134 3.24 -15.11 -15.08
N VAL A 135 3.22 -13.95 -14.43
CA VAL A 135 2.20 -13.61 -13.45
C VAL A 135 1.44 -12.39 -13.96
N THR A 136 0.12 -12.48 -13.99
CA THR A 136 -0.71 -11.37 -14.45
C THR A 136 -1.78 -10.93 -13.46
N GLU A 137 -1.95 -11.63 -12.34
CA GLU A 137 -3.04 -11.34 -11.42
C GLU A 137 -2.54 -11.32 -9.98
N ALA A 138 -2.97 -10.33 -9.22
CA ALA A 138 -2.50 -10.13 -7.86
C ALA A 138 -3.61 -9.54 -7.01
N VAL A 139 -3.52 -9.81 -5.71
CA VAL A 139 -4.29 -9.13 -4.68
C VAL A 139 -3.33 -8.19 -3.96
N ILE A 140 -3.72 -6.93 -3.80
CA ILE A 140 -2.86 -5.92 -3.20
C ILE A 140 -3.50 -5.40 -1.92
N THR A 141 -2.68 -5.14 -0.92
CA THR A 141 -3.17 -4.71 0.39
C THR A 141 -3.17 -3.18 0.50
N VAL A 142 -4.20 -2.66 1.16
CA VAL A 142 -4.31 -1.24 1.52
C VAL A 142 -4.74 -1.13 2.97
N PRO A 143 -4.43 0.01 3.61
CA PRO A 143 -4.94 0.21 4.98
C PRO A 143 -6.45 0.23 4.99
N ALA A 144 -7.03 -0.17 6.12
CA ALA A 144 -8.47 -0.24 6.24
C ALA A 144 -9.12 1.13 6.07
N TYR A 145 -8.44 2.18 6.52
CA TYR A 145 -9.01 3.52 6.53
C TYR A 145 -8.73 4.30 5.25
N PHE A 146 -8.31 3.63 4.19
CA PHE A 146 -8.06 4.29 2.92
C PHE A 146 -9.35 4.89 2.36
N ASN A 147 -9.28 6.13 1.90
CA ASN A 147 -10.45 6.73 1.25
C ASN A 147 -10.59 6.16 -0.16
N ASP A 148 -11.63 6.61 -0.86
CA ASP A 148 -11.90 6.09 -2.21
C ASP A 148 -10.75 6.41 -3.16
N ALA A 149 -10.31 7.66 -3.18
CA ALA A 149 -9.29 8.08 -4.14
C ALA A 149 -7.98 7.31 -3.92
N GLN A 150 -7.64 7.03 -2.67
CA GLN A 150 -6.44 6.26 -2.39
C GLN A 150 -6.56 4.84 -2.92
N ARG A 151 -7.69 4.18 -2.66
CA ARG A 151 -7.87 2.82 -3.12
C ARG A 151 -7.84 2.75 -4.64
N GLN A 152 -8.56 3.65 -5.31
CA GLN A 152 -8.53 3.66 -6.77
C GLN A 152 -7.13 3.95 -7.29
N ALA A 153 -6.40 4.83 -6.61
CA ALA A 153 -5.04 5.13 -7.03
C ALA A 153 -4.14 3.91 -6.90
N THR A 154 -4.31 3.13 -5.83
CA THR A 154 -3.53 1.91 -5.68
C THR A 154 -3.88 0.90 -6.77
N LYS A 155 -5.18 0.77 -7.06
CA LYS A 155 -5.59 -0.11 -8.16
C LYS A 155 -4.94 0.32 -9.48
N ASP A 156 -4.83 1.64 -9.69
CA ASP A 156 -4.19 2.13 -10.90
C ASP A 156 -2.70 1.82 -10.90
N ALA A 157 -2.04 1.95 -9.74
CA ALA A 157 -0.65 1.54 -9.64
C ALA A 157 -0.49 0.06 -9.98
N GLY A 158 -1.46 -0.76 -9.58
CA GLY A 158 -1.41 -2.16 -9.94
C GLY A 158 -1.58 -2.39 -11.43
N ARG A 159 -2.41 -1.56 -12.07
CA ARG A 159 -2.59 -1.70 -13.52
C ARG A 159 -1.35 -1.25 -14.27
N ILE A 160 -0.69 -0.18 -13.81
CA ILE A 160 0.54 0.26 -14.45
C ILE A 160 1.64 -0.79 -14.29
N ALA A 161 1.58 -1.57 -13.21
CA ALA A 161 2.52 -2.67 -13.02
C ALA A 161 2.28 -3.85 -13.95
N GLY A 162 1.33 -3.73 -14.88
CA GLY A 162 1.00 -4.86 -15.72
C GLY A 162 0.23 -5.95 -15.01
N LEU A 163 -0.55 -5.58 -13.99
CA LEU A 163 -1.28 -6.53 -13.17
C LEU A 163 -2.78 -6.26 -13.27
N GLU A 164 -3.55 -7.33 -13.31
CA GLU A 164 -5.00 -7.27 -13.26
C GLU A 164 -5.40 -7.46 -11.80
N VAL A 165 -5.83 -6.37 -11.16
CA VAL A 165 -6.05 -6.38 -9.72
C VAL A 165 -7.41 -7.01 -9.44
N LYS A 166 -7.40 -8.23 -8.90
CA LYS A 166 -8.65 -8.92 -8.62
C LYS A 166 -9.33 -8.35 -7.38
N ARG A 167 -8.55 -7.97 -6.37
CA ARG A 167 -9.14 -7.56 -5.10
C ARG A 167 -8.20 -6.65 -4.34
N ILE A 168 -8.73 -5.51 -3.91
CA ILE A 168 -8.04 -4.63 -2.97
C ILE A 168 -8.50 -5.05 -1.57
N ILE A 169 -7.59 -5.59 -0.77
CA ILE A 169 -7.93 -6.12 0.55
C ILE A 169 -7.41 -5.17 1.61
N ASN A 170 -8.20 -4.99 2.67
CA ASN A 170 -7.78 -4.19 3.80
C ASN A 170 -6.83 -4.99 4.69
N GLU A 171 -5.71 -4.37 5.05
CA GLU A 171 -4.63 -5.07 5.75
C GLU A 171 -5.07 -5.80 7.01
N PRO A 172 -5.82 -5.21 7.93
CA PRO A 172 -6.22 -5.96 9.13
C PRO A 172 -7.08 -7.16 8.80
N THR A 173 -7.87 -7.10 7.73
CA THR A 173 -8.66 -8.25 7.31
C THR A 173 -7.76 -9.38 6.84
N ALA A 174 -6.76 -9.06 6.02
CA ALA A 174 -5.83 -10.09 5.56
C ALA A 174 -5.12 -10.75 6.73
N ALA A 175 -4.57 -9.92 7.62
CA ALA A 175 -3.92 -10.47 8.81
C ALA A 175 -4.90 -11.33 9.61
N ALA A 176 -6.18 -10.97 9.60
CA ALA A 176 -7.16 -11.70 10.40
C ALA A 176 -7.27 -13.15 9.94
N LEU A 177 -7.41 -13.37 8.63
CA LEU A 177 -7.52 -14.74 8.14
C LEU A 177 -6.19 -15.48 8.19
N ALA A 178 -5.09 -14.77 7.95
CA ALA A 178 -3.79 -15.40 8.15
C ALA A 178 -3.70 -15.98 9.56
N TYR A 179 -4.22 -15.25 10.53
CA TYR A 179 -4.30 -15.75 11.90
C TYR A 179 -5.37 -16.83 12.03
N GLY A 180 -6.39 -16.79 11.18
CA GLY A 180 -7.55 -17.65 11.38
C GLY A 180 -7.43 -19.04 10.80
N LEU A 181 -6.50 -19.26 9.86
CA LEU A 181 -6.39 -20.58 9.24
C LEU A 181 -5.98 -21.65 10.25
N ASP A 182 -5.22 -21.29 11.27
CA ASP A 182 -4.81 -22.27 12.28
C ASP A 182 -6.01 -22.75 13.11
N LYS A 183 -6.92 -21.84 13.44
CA LYS A 183 -7.98 -22.14 14.40
C LYS A 183 -9.00 -23.10 13.84
N GLY A 184 -9.63 -23.86 14.73
CA GLY A 184 -10.66 -24.81 14.39
C GLY A 184 -12.05 -24.23 14.49
N THR A 185 -13.04 -25.11 14.54
CA THR A 185 -14.42 -24.68 14.57
C THR A 185 -14.73 -23.96 15.88
N GLY A 186 -15.41 -22.82 15.77
CA GLY A 186 -15.75 -22.04 16.94
C GLY A 186 -16.01 -20.60 16.57
N ASN A 187 -16.37 -19.84 17.60
CA ASN A 187 -16.70 -18.43 17.46
C ASN A 187 -15.72 -17.61 18.28
N ARG A 188 -15.10 -16.61 17.64
CA ARG A 188 -14.20 -15.70 18.34
C ARG A 188 -14.49 -14.28 17.91
N THR A 189 -14.05 -13.34 18.73
CA THR A 189 -14.03 -11.94 18.36
C THR A 189 -12.65 -11.39 18.66
N ILE A 190 -12.05 -10.72 17.67
CA ILE A 190 -10.67 -10.29 17.74
C ILE A 190 -10.57 -8.81 17.38
N ALA A 191 -9.57 -8.17 17.99
CA ALA A 191 -9.17 -6.80 17.68
C ALA A 191 -7.80 -6.86 17.01
N VAL A 192 -7.74 -6.33 15.79
CA VAL A 192 -6.51 -6.28 15.01
C VAL A 192 -5.97 -4.86 15.11
N TYR A 193 -4.78 -4.71 15.69
CA TYR A 193 -4.14 -3.43 15.92
C TYR A 193 -2.93 -3.34 15.01
N ASP A 194 -3.05 -2.58 13.93
CA ASP A 194 -2.03 -2.49 12.89
C ASP A 194 -1.39 -1.11 12.98
N LEU A 195 -0.11 -1.08 13.34
CA LEU A 195 0.65 0.17 13.40
C LEU A 195 1.92 -0.04 12.59
N GLY A 196 1.93 0.41 11.35
CA GLY A 196 3.03 0.20 10.44
C GLY A 196 3.95 1.38 10.35
N GLY A 197 4.60 1.51 9.18
CA GLY A 197 5.50 2.62 8.98
C GLY A 197 4.83 3.93 8.65
N GLY A 198 3.58 3.87 8.18
CA GLY A 198 2.89 5.09 7.82
C GLY A 198 1.45 5.18 8.27
N ALA A 199 0.77 4.04 8.41
CA ALA A 199 -0.65 4.00 8.66
C ALA A 199 -0.96 3.24 9.94
N PHE A 200 -2.11 3.56 10.53
CA PHE A 200 -2.64 2.86 11.69
C PHE A 200 -4.08 2.45 11.41
N ASP A 201 -4.40 1.20 11.71
CA ASP A 201 -5.74 0.65 11.58
C ASP A 201 -6.09 -0.14 12.83
N ILE A 202 -7.37 -0.11 13.18
CA ILE A 202 -7.93 -1.00 14.18
C ILE A 202 -9.19 -1.60 13.59
N SER A 203 -9.30 -2.92 13.69
CA SER A 203 -10.50 -3.58 13.18
C SER A 203 -11.00 -4.60 14.18
N ILE A 204 -12.30 -4.56 14.48
CA ILE A 204 -12.97 -5.57 15.28
C ILE A 204 -13.65 -6.53 14.32
N ILE A 205 -13.23 -7.79 14.37
CA ILE A 205 -13.64 -8.82 13.41
C ILE A 205 -14.11 -10.04 14.18
N GLU A 206 -15.22 -10.64 13.73
CA GLU A 206 -15.74 -11.86 14.32
C GLU A 206 -15.48 -13.03 13.37
N ILE A 207 -15.01 -14.14 13.94
CA ILE A 207 -14.65 -15.33 13.18
C ILE A 207 -15.51 -16.47 13.70
N ASP A 208 -16.56 -16.81 12.98
CA ASP A 208 -17.42 -17.93 13.31
C ASP A 208 -17.25 -19.02 12.26
N GLU A 209 -17.44 -20.26 12.68
CA GLU A 209 -17.29 -21.43 11.82
C GLU A 209 -18.62 -22.16 11.75
N VAL A 210 -19.21 -22.20 10.56
CA VAL A 210 -20.51 -22.83 10.34
C VAL A 210 -20.39 -23.75 9.14
N ASP A 211 -20.54 -25.05 9.37
CA ASP A 211 -20.51 -26.08 8.32
C ASP A 211 -19.19 -26.05 7.54
N GLY A 212 -18.09 -26.06 8.28
CA GLY A 212 -16.77 -26.09 7.67
C GLY A 212 -16.48 -24.88 6.81
N GLU A 213 -17.12 -23.75 7.09
CA GLU A 213 -16.99 -22.54 6.28
C GLU A 213 -16.72 -21.37 7.23
N LYS A 214 -15.46 -20.97 7.31
CA LYS A 214 -15.07 -19.82 8.12
C LYS A 214 -15.75 -18.56 7.62
N THR A 215 -16.37 -17.81 8.53
CA THR A 215 -16.93 -16.51 8.21
C THR A 215 -16.15 -15.47 8.99
N PHE A 216 -15.41 -14.62 8.26
CA PHE A 216 -14.69 -13.49 8.85
C PHE A 216 -15.53 -12.24 8.60
N GLU A 217 -16.28 -11.81 9.60
CA GLU A 217 -17.12 -10.62 9.47
C GLU A 217 -16.46 -9.47 10.19
N VAL A 218 -16.22 -8.38 9.47
CA VAL A 218 -15.65 -7.18 10.05
C VAL A 218 -16.76 -6.44 10.79
N LEU A 219 -16.67 -6.39 12.11
CA LEU A 219 -17.69 -5.68 12.88
C LEU A 219 -17.48 -4.18 12.83
N ALA A 220 -16.23 -3.71 12.96
CA ALA A 220 -15.99 -2.29 12.88
C ALA A 220 -14.56 -2.03 12.45
N THR A 221 -14.31 -0.83 11.95
CA THR A 221 -12.95 -0.45 11.61
C THR A 221 -12.78 1.06 11.77
N ASN A 222 -11.57 1.45 12.15
CA ASN A 222 -11.23 2.86 12.29
C ASN A 222 -9.72 2.96 12.15
N GLY A 223 -9.22 4.20 12.10
CA GLY A 223 -7.79 4.37 12.08
C GLY A 223 -7.41 5.75 11.55
N ASP A 224 -6.12 5.87 11.20
CA ASP A 224 -5.52 7.09 10.70
C ASP A 224 -4.52 6.71 9.64
N THR A 225 -4.71 7.18 8.41
CA THR A 225 -3.87 6.79 7.29
C THR A 225 -2.55 7.56 7.23
N HIS A 226 -2.30 8.47 8.17
CA HIS A 226 -1.07 9.26 8.19
C HIS A 226 -0.50 9.29 9.60
N LEU A 227 -0.46 8.12 10.23
CA LEU A 227 0.13 7.95 11.55
C LEU A 227 0.90 6.63 11.55
N GLY A 228 2.21 6.69 11.77
CA GLY A 228 3.00 5.48 11.73
C GLY A 228 4.39 5.71 12.24
N GLY A 229 5.28 4.78 11.90
CA GLY A 229 6.65 4.84 12.40
C GLY A 229 7.38 6.10 11.95
N GLU A 230 7.12 6.55 10.72
CA GLU A 230 7.76 7.74 10.19
C GLU A 230 7.63 8.93 11.13
N ASP A 231 6.51 9.02 11.85
CA ASP A 231 6.29 10.16 12.73
C ASP A 231 7.01 9.99 14.07
N PHE A 232 7.11 8.75 14.57
CA PHE A 232 8.03 8.49 15.68
C PHE A 232 9.44 8.95 15.33
N ASP A 233 9.93 8.49 14.17
CA ASP A 233 11.20 8.97 13.65
C ASP A 233 11.26 10.48 13.66
N SER A 234 10.21 11.14 13.18
CA SER A 234 10.23 12.59 13.06
C SER A 234 10.38 13.25 14.43
N ARG A 235 9.70 12.71 15.44
CA ARG A 235 9.85 13.24 16.79
C ARG A 235 11.28 13.12 17.27
N LEU A 236 11.88 11.94 17.12
CA LEU A 236 13.27 11.79 17.57
C LEU A 236 14.21 12.71 16.80
N ILE A 237 13.98 12.87 15.50
CA ILE A 237 14.79 13.79 14.70
C ILE A 237 14.71 15.19 15.27
N ASN A 238 13.49 15.68 15.48
CA ASN A 238 13.32 17.04 15.99
C ASN A 238 14.04 17.22 17.32
N TYR A 239 13.99 16.20 18.18
CA TYR A 239 14.72 16.32 19.44
C TYR A 239 16.22 16.42 19.19
N LEU A 240 16.75 15.59 18.29
CA LEU A 240 18.18 15.63 18.04
C LEU A 240 18.61 16.96 17.45
N VAL A 241 17.81 17.53 16.55
CA VAL A 241 18.14 18.82 15.97
C VAL A 241 18.10 19.91 17.03
N GLU A 242 17.07 19.91 17.88
CA GLU A 242 16.99 20.93 18.91
C GLU A 242 18.16 20.83 19.87
N GLU A 243 18.57 19.62 20.23
CA GLU A 243 19.71 19.47 21.13
C GLU A 243 21.01 19.88 20.44
N PHE A 244 21.14 19.60 19.14
CA PHE A 244 22.37 19.96 18.44
C PHE A 244 22.49 21.46 18.28
N LYS A 245 21.40 22.13 17.87
CA LYS A 245 21.40 23.58 17.82
C LYS A 245 21.59 24.17 19.21
N LYS A 246 21.16 23.46 20.24
CA LYS A 246 21.28 23.95 21.61
C LYS A 246 22.73 23.88 22.11
N ASP A 247 23.45 22.82 21.74
CA ASP A 247 24.78 22.60 22.28
C ASP A 247 25.89 23.14 21.39
N GLN A 248 25.70 23.13 20.07
CA GLN A 248 26.72 23.57 19.12
C GLN A 248 26.37 24.83 18.36
N GLY A 249 25.14 25.33 18.46
CA GLY A 249 24.78 26.57 17.82
C GLY A 249 24.48 26.49 16.35
N ILE A 250 24.21 25.31 15.82
CA ILE A 250 23.97 25.11 14.40
C ILE A 250 22.58 24.49 14.21
N ASP A 251 21.75 25.15 13.43
CA ASP A 251 20.50 24.55 12.97
C ASP A 251 20.84 23.55 11.87
N LEU A 252 20.68 22.26 12.17
CA LEU A 252 21.06 21.21 11.25
C LEU A 252 20.03 20.97 10.15
N ARG A 253 18.89 21.65 10.17
CA ARG A 253 17.81 21.33 9.23
C ARG A 253 18.09 21.83 7.82
N ASN A 254 19.17 22.57 7.61
CA ASN A 254 19.50 23.08 6.28
C ASN A 254 20.26 22.06 5.45
N ASP A 255 21.25 21.41 6.04
CA ASP A 255 22.06 20.39 5.36
C ASP A 255 21.21 19.16 5.05
N PRO A 256 20.81 18.93 3.80
CA PRO A 256 19.96 17.76 3.52
C PRO A 256 20.69 16.44 3.70
N LEU A 257 21.97 16.39 3.34
CA LEU A 257 22.77 15.19 3.59
C LEU A 257 22.78 14.84 5.08
N ALA A 258 23.08 15.84 5.91
CA ALA A 258 23.09 15.63 7.35
C ALA A 258 21.73 15.15 7.85
N MET A 259 20.65 15.67 7.26
CA MET A 259 19.32 15.23 7.68
C MET A 259 19.06 13.80 7.28
N GLN A 260 19.60 13.37 6.14
CA GLN A 260 19.49 11.97 5.75
C GLN A 260 20.21 11.07 6.75
N ARG A 261 21.49 11.37 7.01
CA ARG A 261 22.22 10.60 8.01
C ARG A 261 21.49 10.61 9.35
N LEU A 262 20.82 11.71 9.66
CA LEU A 262 20.16 11.85 10.96
C LEU A 262 18.87 11.05 11.04
N LYS A 263 18.14 10.91 9.94
CA LYS A 263 16.96 10.05 9.96
C LYS A 263 17.37 8.59 10.05
N GLU A 264 18.40 8.20 9.28
CA GLU A 264 18.91 6.84 9.40
C GLU A 264 19.30 6.53 10.83
N ALA A 265 20.14 7.38 11.42
CA ALA A 265 20.57 7.16 12.80
C ALA A 265 19.39 7.17 13.76
N ALA A 266 18.40 8.02 13.49
CA ALA A 266 17.26 8.15 14.40
C ALA A 266 16.42 6.88 14.42
N GLU A 267 16.01 6.39 13.25
CA GLU A 267 15.25 5.15 13.22
C GLU A 267 16.06 4.00 13.81
N LYS A 268 17.36 3.95 13.50
CA LYS A 268 18.20 2.93 14.09
C LYS A 268 18.16 2.99 15.61
N ALA A 269 18.15 4.20 16.17
CA ALA A 269 18.15 4.33 17.61
C ALA A 269 16.80 3.93 18.21
N LYS A 270 15.71 4.28 17.53
CA LYS A 270 14.39 3.85 17.99
C LYS A 270 14.31 2.33 18.07
N ILE A 271 14.61 1.67 16.94
CA ILE A 271 14.58 0.21 16.90
C ILE A 271 15.50 -0.38 17.96
N GLU A 272 16.68 0.22 18.13
CA GLU A 272 17.60 -0.25 19.16
C GLU A 272 17.00 -0.09 20.55
N LEU A 273 16.17 0.93 20.75
CA LEU A 273 15.54 1.16 22.04
C LEU A 273 14.31 0.30 22.27
N SER A 274 13.83 -0.40 21.24
CA SER A 274 12.79 -1.39 21.50
C SER A 274 13.27 -2.54 22.37
N SER A 275 14.59 -2.75 22.50
CA SER A 275 15.10 -3.87 23.27
C SER A 275 16.23 -3.52 24.22
N ALA A 276 16.84 -2.34 24.10
CA ALA A 276 17.82 -1.85 25.05
C ALA A 276 17.22 -0.75 25.91
N GLN A 277 17.95 -0.37 26.95
CA GLN A 277 17.50 0.66 27.87
C GLN A 277 18.12 2.03 27.62
N GLN A 278 19.16 2.11 26.80
CA GLN A 278 19.80 3.38 26.45
C GLN A 278 20.74 3.14 25.28
N THR A 279 20.70 4.04 24.29
CA THR A 279 21.60 3.98 23.15
C THR A 279 22.20 5.37 22.94
N ASP A 280 23.17 5.44 22.04
CA ASP A 280 23.82 6.70 21.70
C ASP A 280 23.67 6.96 20.22
N VAL A 281 23.17 8.16 19.88
CA VAL A 281 23.21 8.64 18.51
C VAL A 281 24.58 9.29 18.31
N ASN A 282 25.42 8.64 17.52
CA ASN A 282 26.84 8.97 17.39
C ASN A 282 27.13 9.23 15.92
N LEU A 283 27.14 10.50 15.52
CA LEU A 283 27.42 10.89 14.14
C LEU A 283 28.65 11.78 14.09
N PRO A 284 29.81 11.24 13.71
CA PRO A 284 31.00 12.08 13.54
C PRO A 284 30.97 12.81 12.21
N TYR A 285 31.65 13.95 12.17
CA TYR A 285 31.73 14.80 11.00
C TYR A 285 30.34 15.02 10.41
N ILE A 286 29.35 15.28 11.26
CA ILE A 286 27.99 15.43 10.79
C ILE A 286 27.87 16.64 9.88
N THR A 287 28.55 17.73 10.23
CA THR A 287 28.50 18.95 9.45
C THR A 287 29.79 19.71 9.65
N ALA A 288 30.05 20.66 8.74
CA ALA A 288 31.28 21.43 8.73
C ALA A 288 30.96 22.89 9.04
N ASP A 289 31.43 23.36 10.19
CA ASP A 289 31.36 24.77 10.50
C ASP A 289 32.49 25.50 9.76
N ALA A 290 32.41 26.83 9.77
CA ALA A 290 33.52 27.61 9.22
C ALA A 290 34.80 27.36 9.99
N THR A 291 34.69 27.19 11.31
CA THR A 291 35.88 26.98 12.12
C THR A 291 36.41 25.57 11.98
N GLY A 292 35.53 24.57 11.96
CA GLY A 292 35.93 23.21 11.81
C GLY A 292 34.74 22.28 11.84
N PRO A 293 34.94 21.02 11.47
CA PRO A 293 33.83 20.07 11.44
C PRO A 293 33.25 19.86 12.83
N LYS A 294 31.97 19.48 12.86
CA LYS A 294 31.25 19.30 14.10
C LYS A 294 30.84 17.84 14.26
N HIS A 295 30.42 17.50 15.47
CA HIS A 295 30.15 16.13 15.86
C HIS A 295 28.86 16.05 16.66
N MET A 296 28.25 14.88 16.64
CA MET A 296 27.10 14.61 17.48
C MET A 296 27.34 13.32 18.26
N ASN A 297 27.08 13.36 19.57
CA ASN A 297 27.11 12.18 20.41
C ASN A 297 26.12 12.43 21.53
N ILE A 298 24.91 11.89 21.38
CA ILE A 298 23.79 12.18 22.29
C ILE A 298 23.31 10.88 22.91
N LYS A 299 23.23 10.85 24.23
CA LYS A 299 22.60 9.73 24.92
C LYS A 299 21.10 9.83 24.79
N VAL A 300 20.45 8.69 24.57
CA VAL A 300 19.00 8.60 24.55
C VAL A 300 18.60 7.40 25.39
N THR A 301 17.85 7.64 26.46
CA THR A 301 17.28 6.56 27.23
C THR A 301 15.97 6.11 26.59
N ARG A 302 15.51 4.92 27.00
CA ARG A 302 14.19 4.48 26.56
C ARG A 302 13.11 5.43 27.06
N ALA A 303 13.27 5.92 28.29
CA ALA A 303 12.27 6.84 28.83
C ALA A 303 12.16 8.09 27.98
N LYS A 304 13.29 8.59 27.48
CA LYS A 304 13.26 9.81 26.68
C LYS A 304 12.45 9.60 25.40
N LEU A 305 12.67 8.48 24.72
CA LEU A 305 11.92 8.18 23.51
C LEU A 305 10.45 8.03 23.81
N GLU A 306 10.12 7.28 24.86
CA GLU A 306 8.72 7.10 25.24
C GLU A 306 8.06 8.45 25.49
N SER A 307 8.75 9.36 26.17
CA SER A 307 8.21 10.69 26.37
C SER A 307 8.04 11.42 25.05
N LEU A 308 8.95 11.19 24.11
CA LEU A 308 8.89 11.90 22.84
C LEU A 308 7.75 11.44 21.94
N VAL A 309 7.29 10.19 22.09
CA VAL A 309 6.25 9.67 21.20
C VAL A 309 4.97 9.31 21.95
N GLU A 310 4.86 9.67 23.23
CA GLU A 310 3.70 9.23 24.02
C GLU A 310 2.40 9.75 23.43
N ASP A 311 2.35 11.03 23.06
CA ASP A 311 1.12 11.59 22.52
C ASP A 311 0.73 10.92 21.21
N LEU A 312 1.73 10.48 20.43
CA LEU A 312 1.45 9.71 19.23
C LEU A 312 0.84 8.37 19.58
N VAL A 313 1.38 7.69 20.59
CA VAL A 313 0.78 6.41 21.00
C VAL A 313 -0.65 6.62 21.46
N ASN A 314 -0.89 7.68 22.24
CA ASN A 314 -2.24 7.96 22.73
C ASN A 314 -3.18 8.31 21.59
N ARG A 315 -2.67 8.91 20.51
CA ARG A 315 -3.51 9.19 19.35
C ARG A 315 -4.13 7.93 18.77
N SER A 316 -3.53 6.76 19.01
CA SER A 316 -4.05 5.51 18.49
C SER A 316 -5.11 4.87 19.38
N ILE A 317 -5.26 5.34 20.62
CA ILE A 317 -6.21 4.69 21.52
C ILE A 317 -7.64 5.16 21.26
N GLU A 318 -7.81 6.41 20.87
CA GLU A 318 -9.13 6.92 20.56
C GLU A 318 -9.89 6.09 19.53
N PRO A 319 -9.29 5.71 18.39
CA PRO A 319 -10.04 4.88 17.43
C PRO A 319 -10.37 3.50 17.99
N LEU A 320 -9.68 3.04 19.02
CA LEU A 320 -10.12 1.81 19.70
C LEU A 320 -11.48 2.02 20.35
N LYS A 321 -11.62 3.10 21.11
CA LYS A 321 -12.91 3.42 21.72
C LYS A 321 -13.99 3.57 20.65
N VAL A 322 -13.70 4.34 19.59
CA VAL A 322 -14.71 4.56 18.56
C VAL A 322 -15.11 3.25 17.90
N ALA A 323 -14.13 2.40 17.60
CA ALA A 323 -14.42 1.14 16.92
C ALA A 323 -15.23 0.21 17.80
N LEU A 324 -14.88 0.11 19.09
CA LEU A 324 -15.67 -0.71 20.00
C LEU A 324 -17.08 -0.17 20.13
N GLN A 325 -17.24 1.15 20.07
CA GLN A 325 -18.58 1.72 20.10
C GLN A 325 -19.37 1.33 18.86
N ASP A 326 -18.78 1.47 17.68
CA ASP A 326 -19.49 1.13 16.45
C ASP A 326 -19.81 -0.36 16.40
N ALA A 327 -18.91 -1.20 16.91
CA ALA A 327 -19.19 -2.63 16.93
C ALA A 327 -20.20 -3.01 17.99
N GLY A 328 -20.56 -2.09 18.88
CA GLY A 328 -21.50 -2.39 19.93
C GLY A 328 -20.97 -3.34 20.97
N LEU A 329 -19.66 -3.34 21.18
CA LEU A 329 -19.02 -4.28 22.10
C LEU A 329 -18.36 -3.52 23.24
N SER A 330 -18.00 -4.28 24.27
CA SER A 330 -17.19 -3.80 25.37
C SER A 330 -15.81 -4.46 25.30
N VAL A 331 -14.87 -3.92 26.07
CA VAL A 331 -13.52 -4.45 26.09
C VAL A 331 -13.51 -5.93 26.46
N SER A 332 -14.43 -6.34 27.34
CA SER A 332 -14.49 -7.72 27.78
C SER A 332 -15.07 -8.67 26.74
N ASP A 333 -15.69 -8.14 25.68
CA ASP A 333 -16.22 -9.00 24.61
C ASP A 333 -15.14 -9.43 23.63
N ILE A 334 -13.98 -8.79 23.65
CA ILE A 334 -12.90 -9.11 22.72
C ILE A 334 -12.20 -10.37 23.19
N ASP A 335 -12.33 -11.46 22.42
CA ASP A 335 -11.71 -12.72 22.83
C ASP A 335 -10.20 -12.69 22.61
N ASP A 336 -9.73 -12.08 21.52
CA ASP A 336 -8.30 -12.00 21.27
C ASP A 336 -7.92 -10.67 20.67
N VAL A 337 -6.70 -10.21 20.98
CA VAL A 337 -6.14 -8.99 20.40
C VAL A 337 -4.79 -9.35 19.79
N ILE A 338 -4.53 -8.89 18.57
CA ILE A 338 -3.30 -9.22 17.87
C ILE A 338 -2.65 -7.95 17.33
N LEU A 339 -1.33 -7.92 17.37
CA LEU A 339 -0.55 -6.77 16.95
C LEU A 339 0.07 -7.04 15.59
N VAL A 340 -0.01 -6.06 14.71
CA VAL A 340 0.49 -6.16 13.34
C VAL A 340 1.25 -4.88 13.02
N GLY A 341 2.35 -5.02 12.29
CA GLY A 341 3.16 -3.87 11.94
C GLY A 341 4.42 -3.78 12.76
N GLY A 342 5.52 -3.33 12.15
CA GLY A 342 6.78 -3.29 12.86
C GLY A 342 6.74 -2.37 14.08
N GLN A 343 6.01 -1.27 13.97
CA GLN A 343 6.01 -0.29 15.06
C GLN A 343 5.37 -0.85 16.33
N THR A 344 4.54 -1.88 16.23
CA THR A 344 3.99 -2.50 17.44
C THR A 344 5.03 -3.30 18.20
N ARG A 345 6.24 -3.45 17.66
CA ARG A 345 7.30 -4.10 18.42
C ARG A 345 7.78 -3.24 19.58
N MET A 346 7.43 -1.97 19.61
CA MET A 346 7.89 -1.10 20.67
C MET A 346 7.24 -1.51 21.98
N PRO A 347 7.99 -1.68 23.06
CA PRO A 347 7.37 -2.12 24.32
C PRO A 347 6.23 -1.24 24.79
N MET A 348 6.35 0.07 24.60
CA MET A 348 5.31 0.96 25.10
C MET A 348 3.98 0.73 24.37
N VAL A 349 4.03 0.49 23.07
CA VAL A 349 2.79 0.23 22.33
C VAL A 349 2.12 -1.02 22.86
N GLN A 350 2.88 -2.09 23.04
CA GLN A 350 2.32 -3.33 23.57
C GLN A 350 1.74 -3.11 24.96
N LYS A 351 2.39 -2.27 25.77
CA LYS A 351 1.89 -2.05 27.12
C LYS A 351 0.60 -1.25 27.12
N LYS A 352 0.54 -0.17 26.34
CA LYS A 352 -0.67 0.65 26.29
C LYS A 352 -1.84 -0.13 25.72
N VAL A 353 -1.61 -0.91 24.66
CA VAL A 353 -2.69 -1.72 24.10
C VAL A 353 -3.14 -2.77 25.11
N ALA A 354 -2.17 -3.48 25.68
CA ALA A 354 -2.49 -4.53 26.65
C ALA A 354 -3.27 -3.99 27.84
N GLU A 355 -2.97 -2.76 28.25
CA GLU A 355 -3.68 -2.18 29.38
C GLU A 355 -5.03 -1.61 28.98
N PHE A 356 -5.19 -1.16 27.74
CA PHE A 356 -6.52 -0.82 27.26
C PHE A 356 -7.43 -2.03 27.29
N PHE A 357 -6.97 -3.16 26.73
CA PHE A 357 -7.82 -4.34 26.71
C PHE A 357 -7.74 -5.15 28.00
N GLY A 358 -6.87 -4.79 28.93
CA GLY A 358 -6.67 -5.60 30.11
C GLY A 358 -6.28 -7.03 29.79
N LYS A 359 -5.58 -7.24 28.68
CA LYS A 359 -5.32 -8.58 28.19
C LYS A 359 -4.02 -8.58 27.39
N GLU A 360 -3.31 -9.70 27.43
CA GLU A 360 -2.03 -9.74 26.73
C GLU A 360 -2.23 -10.16 25.28
N PRO A 361 -1.70 -9.40 24.32
CA PRO A 361 -1.84 -9.79 22.91
C PRO A 361 -1.14 -11.12 22.63
N ARG A 362 -1.57 -11.77 21.56
CA ARG A 362 -1.01 -13.05 21.17
C ARG A 362 0.48 -12.91 20.85
N LYS A 363 1.21 -14.03 20.93
CA LYS A 363 2.64 -14.02 20.66
C LYS A 363 3.05 -14.84 19.45
N ASP A 364 2.11 -15.55 18.81
CA ASP A 364 2.41 -16.43 17.69
C ASP A 364 2.08 -15.79 16.34
N VAL A 365 2.14 -14.47 16.26
CA VAL A 365 1.84 -13.74 15.02
C VAL A 365 3.09 -13.00 14.59
N ASN A 366 3.49 -13.22 13.33
CA ASN A 366 4.59 -12.46 12.75
C ASN A 366 4.03 -11.18 12.15
N PRO A 367 4.22 -10.03 12.80
CA PRO A 367 3.64 -8.78 12.27
C PRO A 367 4.22 -8.37 10.92
N ASP A 368 5.41 -8.88 10.56
CA ASP A 368 6.01 -8.48 9.30
C ASP A 368 5.51 -9.32 8.12
N GLU A 369 4.99 -10.52 8.38
CA GLU A 369 4.66 -11.44 7.30
C GLU A 369 3.19 -11.85 7.25
N ALA A 370 2.36 -11.39 8.20
CA ALA A 370 0.99 -11.90 8.26
C ALA A 370 0.10 -11.29 7.19
N VAL A 371 0.26 -10.00 6.91
CA VAL A 371 -0.59 -9.34 5.93
C VAL A 371 -0.44 -10.00 4.57
N ALA A 372 0.80 -10.24 4.15
CA ALA A 372 1.04 -10.77 2.81
C ALA A 372 0.45 -12.16 2.65
N ILE A 373 0.70 -13.04 3.61
CA ILE A 373 0.16 -14.40 3.51
C ILE A 373 -1.36 -14.36 3.51
N GLY A 374 -1.95 -13.43 4.28
CA GLY A 374 -3.39 -13.21 4.19
C GLY A 374 -3.84 -12.87 2.78
N ALA A 375 -3.09 -11.98 2.12
CA ALA A 375 -3.43 -11.62 0.74
C ALA A 375 -3.36 -12.83 -0.18
N ALA A 376 -2.29 -13.62 -0.05
CA ALA A 376 -2.17 -14.83 -0.86
C ALA A 376 -3.37 -15.74 -0.69
N VAL A 377 -3.77 -15.97 0.57
CA VAL A 377 -4.93 -16.81 0.82
C VAL A 377 -6.18 -16.22 0.17
N GLN A 378 -6.36 -14.89 0.25
CA GLN A 378 -7.50 -14.28 -0.41
C GLN A 378 -7.49 -14.57 -1.91
N GLY A 379 -6.33 -14.45 -2.56
CA GLY A 379 -6.23 -14.87 -3.94
C GLY A 379 -6.67 -16.30 -4.15
N GLY A 380 -6.28 -17.18 -3.23
CA GLY A 380 -6.76 -18.56 -3.27
C GLY A 380 -8.27 -18.65 -3.23
N VAL A 381 -8.91 -17.81 -2.40
CA VAL A 381 -10.37 -17.78 -2.35
C VAL A 381 -10.93 -17.38 -3.70
N LEU A 382 -10.29 -16.41 -4.34
CA LEU A 382 -10.80 -15.94 -5.62
C LEU A 382 -10.66 -17.00 -6.70
N THR A 383 -9.57 -17.77 -6.69
CA THR A 383 -9.42 -18.84 -7.67
C THR A 383 -10.30 -20.04 -7.35
N GLY A 384 -10.26 -20.51 -6.11
CA GLY A 384 -11.07 -21.64 -5.69
C GLY A 384 -10.30 -22.66 -4.89
N ASP A 385 -8.98 -22.51 -4.80
CA ASP A 385 -8.16 -23.48 -4.10
C ASP A 385 -8.45 -23.53 -2.61
N VAL A 386 -9.00 -22.46 -2.04
CA VAL A 386 -9.55 -22.50 -0.69
C VAL A 386 -11.02 -22.11 -0.79
N LYS A 387 -11.90 -23.04 -0.40
CA LYS A 387 -13.34 -22.84 -0.47
C LYS A 387 -13.98 -22.69 0.90
N ASP A 388 -13.23 -22.82 1.97
CA ASP A 388 -13.79 -22.87 3.32
C ASP A 388 -13.83 -21.50 4.01
N VAL A 389 -13.49 -20.42 3.32
CA VAL A 389 -13.36 -19.12 3.96
C VAL A 389 -14.12 -18.08 3.16
N LEU A 390 -14.86 -17.21 3.87
CA LEU A 390 -15.53 -16.06 3.28
C LEU A 390 -15.21 -14.84 4.12
N LEU A 391 -14.99 -13.72 3.44
CA LEU A 391 -14.64 -12.47 4.10
C LEU A 391 -15.70 -11.42 3.82
N LEU A 392 -16.25 -10.85 4.89
CA LEU A 392 -17.25 -9.79 4.81
C LEU A 392 -16.62 -8.52 5.36
N ASP A 393 -16.17 -7.65 4.46
CA ASP A 393 -15.56 -6.38 4.84
C ASP A 393 -16.61 -5.28 4.75
N VAL A 394 -16.25 -4.12 5.29
CA VAL A 394 -17.15 -2.98 5.39
C VAL A 394 -16.45 -1.76 4.80
N THR A 395 -17.24 -0.72 4.57
CA THR A 395 -16.49 0.48 4.19
C THR A 395 -16.22 1.34 5.41
N PRO A 396 -15.04 1.97 5.51
CA PRO A 396 -14.68 2.66 6.75
C PRO A 396 -15.27 4.05 6.89
N LEU A 397 -15.74 4.66 5.81
CA LEU A 397 -16.15 6.05 5.83
C LEU A 397 -17.58 6.18 5.34
N SER A 398 -18.34 7.07 5.97
CA SER A 398 -19.69 7.38 5.52
C SER A 398 -19.65 8.11 4.19
N LEU A 399 -20.51 7.69 3.27
CA LEU A 399 -20.61 8.30 1.94
C LEU A 399 -21.88 9.12 1.89
N GLY A 400 -21.75 10.41 1.59
CA GLY A 400 -22.91 11.28 1.55
C GLY A 400 -22.77 12.33 0.47
N ILE A 401 -23.78 13.20 0.39
CA ILE A 401 -23.82 14.28 -0.56
C ILE A 401 -23.96 15.59 0.20
N GLU A 402 -23.53 16.68 -0.44
CA GLU A 402 -23.65 18.01 0.15
C GLU A 402 -25.01 18.59 -0.17
N THR A 403 -25.71 19.08 0.84
CA THR A 403 -27.02 19.68 0.68
C THR A 403 -26.95 21.16 1.02
N MET A 404 -28.11 21.80 1.05
CA MET A 404 -28.17 23.24 1.25
C MET A 404 -27.55 23.64 2.58
N GLY A 405 -26.79 24.73 2.57
CA GLY A 405 -26.16 25.25 3.75
C GLY A 405 -24.78 24.69 4.04
N GLY A 406 -24.28 23.77 3.22
CA GLY A 406 -23.01 23.13 3.48
C GLY A 406 -23.08 21.90 4.35
N VAL A 407 -24.26 21.55 4.87
CA VAL A 407 -24.42 20.35 5.67
C VAL A 407 -24.30 19.13 4.77
N MET A 408 -23.81 18.03 5.34
CA MET A 408 -23.65 16.78 4.61
C MET A 408 -24.76 15.81 5.01
N THR A 409 -25.22 15.03 4.02
CA THR A 409 -26.31 14.09 4.19
C THR A 409 -25.82 12.69 3.83
N THR A 410 -25.93 11.77 4.78
CA THR A 410 -25.37 10.44 4.61
C THR A 410 -26.30 9.56 3.78
N LEU A 411 -25.74 8.95 2.74
CA LEU A 411 -26.43 7.94 1.94
C LEU A 411 -26.05 6.53 2.34
N ILE A 412 -24.77 6.29 2.63
CA ILE A 412 -24.29 4.99 3.11
C ILE A 412 -23.39 5.24 4.31
N ALA A 413 -23.79 4.75 5.48
CA ALA A 413 -23.07 5.03 6.70
C ALA A 413 -21.82 4.17 6.82
N LYS A 414 -20.89 4.61 7.66
CA LYS A 414 -19.66 3.87 7.88
C LYS A 414 -19.96 2.51 8.49
N ASN A 415 -19.04 1.57 8.27
CA ASN A 415 -19.13 0.19 8.73
C ASN A 415 -20.29 -0.58 8.10
N THR A 416 -20.74 -0.17 6.91
CA THR A 416 -21.72 -0.94 6.16
C THR A 416 -21.03 -2.06 5.40
N THR A 417 -21.57 -3.27 5.51
CA THR A 417 -20.97 -4.42 4.83
C THR A 417 -20.99 -4.22 3.32
N ILE A 418 -19.89 -4.55 2.67
CA ILE A 418 -19.74 -4.36 1.24
C ILE A 418 -19.57 -5.72 0.55
N PRO A 419 -19.92 -5.82 -0.75
CA PRO A 419 -20.48 -4.79 -1.66
C PRO A 419 -21.87 -4.34 -1.24
N THR A 420 -22.23 -3.11 -1.59
CA THR A 420 -23.53 -2.58 -1.21
C THR A 420 -23.99 -1.60 -2.27
N LYS A 421 -25.29 -1.36 -2.30
CA LYS A 421 -25.92 -0.48 -3.27
C LYS A 421 -26.92 0.41 -2.54
N HIS A 422 -27.04 1.66 -3.01
CA HIS A 422 -28.04 2.56 -2.46
C HIS A 422 -28.53 3.50 -3.55
N SER A 423 -29.84 3.50 -3.78
CA SER A 423 -30.46 4.32 -4.81
C SER A 423 -31.27 5.44 -4.19
N GLN A 424 -31.30 6.58 -4.86
CA GLN A 424 -32.09 7.71 -4.41
C GLN A 424 -32.58 8.51 -5.61
N VAL A 425 -33.78 9.07 -5.47
CA VAL A 425 -34.43 9.81 -6.56
C VAL A 425 -34.09 11.29 -6.42
N PHE A 426 -33.65 11.88 -7.53
CA PHE A 426 -33.35 13.30 -7.60
C PHE A 426 -34.22 13.92 -8.69
N SER A 427 -34.43 15.23 -8.56
CA SER A 427 -35.30 15.95 -9.48
C SER A 427 -34.76 17.37 -9.67
N THR A 428 -35.40 18.10 -10.58
CA THR A 428 -35.05 19.49 -10.80
C THR A 428 -35.62 20.36 -9.69
N ALA A 429 -35.02 21.54 -9.52
CA ALA A 429 -35.48 22.51 -8.54
C ALA A 429 -36.03 23.78 -9.17
N GLU A 430 -35.78 24.02 -10.46
CA GLU A 430 -36.25 25.21 -11.14
C GLU A 430 -36.82 24.82 -12.50
N ASP A 431 -37.66 25.71 -13.03
CA ASP A 431 -38.27 25.47 -14.33
C ASP A 431 -37.22 25.35 -15.43
N ASN A 432 -37.36 24.34 -16.27
CA ASN A 432 -36.45 24.10 -17.39
C ASN A 432 -35.00 24.02 -16.94
N GLN A 433 -34.78 23.34 -15.82
CA GLN A 433 -33.41 23.12 -15.34
C GLN A 433 -32.68 22.19 -16.27
N SER A 434 -31.58 22.68 -16.86
CA SER A 434 -30.87 21.93 -17.89
C SER A 434 -30.25 20.65 -17.34
N ALA A 435 -29.92 20.65 -16.05
CA ALA A 435 -28.98 19.68 -15.52
C ALA A 435 -29.00 19.77 -14.00
N VAL A 436 -28.57 18.69 -13.35
CA VAL A 436 -28.42 18.74 -11.90
C VAL A 436 -27.02 18.26 -11.54
N THR A 437 -26.47 18.83 -10.47
CA THR A 437 -25.10 18.56 -10.03
C THR A 437 -25.13 18.10 -8.59
N ILE A 438 -24.51 16.94 -8.33
CA ILE A 438 -24.50 16.33 -7.00
C ILE A 438 -23.06 16.31 -6.49
N HIS A 439 -22.88 16.75 -5.25
CA HIS A 439 -21.56 16.79 -4.62
C HIS A 439 -21.43 15.58 -3.71
N VAL A 440 -20.56 14.64 -4.07
CA VAL A 440 -20.40 13.39 -3.34
C VAL A 440 -19.09 13.42 -2.56
N LEU A 441 -19.18 13.08 -1.27
CA LEU A 441 -18.06 13.18 -0.35
C LEU A 441 -18.06 11.99 0.60
N GLN A 442 -16.91 11.79 1.25
CA GLN A 442 -16.70 10.77 2.26
C GLN A 442 -16.22 11.42 3.55
N GLY A 443 -16.76 10.97 4.67
CA GLY A 443 -16.31 11.46 5.96
C GLY A 443 -17.45 11.45 6.97
N GLU A 444 -17.09 11.87 8.19
CA GLU A 444 -18.04 11.87 9.31
C GLU A 444 -18.40 13.27 9.79
N ARG A 445 -17.68 14.29 9.37
CA ARG A 445 -17.94 15.65 9.83
C ARG A 445 -19.29 16.14 9.33
N LYS A 446 -19.84 17.15 10.01
CA LYS A 446 -21.17 17.64 9.69
C LYS A 446 -21.17 18.70 8.58
N ARG A 447 -20.02 19.32 8.31
CA ARG A 447 -19.91 20.27 7.22
C ARG A 447 -19.29 19.60 6.01
N ALA A 448 -19.85 19.89 4.83
CA ALA A 448 -19.32 19.30 3.60
C ALA A 448 -17.86 19.70 3.40
N ALA A 449 -17.52 20.94 3.75
CA ALA A 449 -16.15 21.40 3.58
C ALA A 449 -15.18 20.67 4.49
N ASP A 450 -15.65 20.08 5.58
CA ASP A 450 -14.80 19.36 6.52
C ASP A 450 -14.62 17.89 6.15
N ASN A 451 -15.01 17.49 4.95
CA ASN A 451 -14.91 16.11 4.53
C ASN A 451 -14.11 16.01 3.23
N LYS A 452 -13.90 14.78 2.78
CA LYS A 452 -13.14 14.51 1.57
C LYS A 452 -14.08 14.46 0.38
N SER A 453 -13.95 15.43 -0.52
CA SER A 453 -14.80 15.47 -1.69
C SER A 453 -14.40 14.41 -2.70
N LEU A 454 -15.35 13.54 -3.05
CA LEU A 454 -15.13 12.62 -4.16
C LEU A 454 -15.40 13.28 -5.50
N GLY A 455 -16.32 14.22 -5.55
CA GLY A 455 -16.42 15.06 -6.73
C GLY A 455 -17.83 15.50 -7.02
N GLN A 456 -17.96 16.30 -8.09
CA GLN A 456 -19.24 16.86 -8.51
C GLN A 456 -19.70 16.15 -9.78
N PHE A 457 -20.81 15.44 -9.67
CA PHE A 457 -21.35 14.63 -10.75
C PHE A 457 -22.47 15.41 -11.42
N ASN A 458 -22.27 15.72 -12.70
CA ASN A 458 -23.18 16.57 -13.47
C ASN A 458 -23.99 15.68 -14.41
N LEU A 459 -25.31 15.74 -14.27
CA LEU A 459 -26.27 15.11 -15.17
C LEU A 459 -26.81 16.21 -16.06
N ASP A 460 -26.23 16.32 -17.25
CA ASP A 460 -26.65 17.27 -18.27
C ASP A 460 -27.73 16.64 -19.13
N GLY A 461 -28.22 17.40 -20.11
CA GLY A 461 -29.20 16.88 -21.03
C GLY A 461 -30.52 16.52 -20.40
N ILE A 462 -31.01 17.32 -19.47
CA ILE A 462 -32.36 17.19 -18.93
C ILE A 462 -33.25 18.11 -19.74
N ASN A 463 -34.11 17.54 -20.58
CA ASN A 463 -34.96 18.36 -21.42
C ASN A 463 -35.83 19.27 -20.55
N PRO A 464 -36.24 20.43 -21.06
CA PRO A 464 -36.99 21.37 -20.22
C PRO A 464 -38.25 20.75 -19.64
N ALA A 465 -38.60 21.19 -18.45
CA ALA A 465 -39.70 20.63 -17.68
C ALA A 465 -40.00 21.57 -16.52
N PRO A 466 -41.17 21.46 -15.90
CA PRO A 466 -41.44 22.25 -14.70
C PRO A 466 -40.53 21.81 -13.56
N ARG A 467 -40.39 22.70 -12.59
CA ARG A 467 -39.52 22.42 -11.45
C ARG A 467 -40.06 21.23 -10.65
N GLY A 468 -39.21 20.22 -10.47
CA GLY A 468 -39.53 19.09 -9.62
C GLY A 468 -40.22 17.93 -10.30
N MET A 469 -40.62 18.06 -11.56
CA MET A 469 -41.38 16.98 -12.21
C MET A 469 -40.51 15.78 -12.53
N PRO A 470 -39.39 15.89 -13.27
CA PRO A 470 -38.67 14.68 -13.69
C PRO A 470 -38.13 13.92 -12.48
N GLN A 471 -37.97 12.60 -12.68
CA GLN A 471 -37.46 11.71 -11.65
C GLN A 471 -36.28 10.95 -12.22
N ILE A 472 -35.10 11.16 -11.66
CA ILE A 472 -33.88 10.47 -12.08
C ILE A 472 -33.34 9.70 -10.88
N GLU A 473 -33.29 8.38 -11.01
CA GLU A 473 -32.76 7.52 -9.96
C GLU A 473 -31.26 7.40 -10.11
N VAL A 474 -30.54 7.74 -9.05
CA VAL A 474 -29.09 7.62 -9.00
C VAL A 474 -28.73 6.46 -8.08
N THR A 475 -27.79 5.63 -8.53
CA THR A 475 -27.40 4.41 -7.85
C THR A 475 -25.94 4.51 -7.46
N PHE A 476 -25.66 4.32 -6.17
CA PHE A 476 -24.33 4.35 -5.59
C PHE A 476 -23.92 2.93 -5.25
N ASP A 477 -22.86 2.45 -5.90
CA ASP A 477 -22.34 1.11 -5.70
C ASP A 477 -21.01 1.16 -4.97
N ILE A 478 -20.81 0.24 -4.04
CA ILE A 478 -19.51 0.00 -3.43
C ILE A 478 -19.18 -1.46 -3.65
N ASP A 479 -18.20 -1.73 -4.51
CA ASP A 479 -17.83 -3.09 -4.86
C ASP A 479 -17.04 -3.72 -3.70
N ALA A 480 -16.54 -4.94 -3.92
CA ALA A 480 -15.79 -5.61 -2.89
C ALA A 480 -14.44 -4.95 -2.61
N ASP A 481 -13.93 -4.15 -3.55
CA ASP A 481 -12.71 -3.41 -3.31
C ASP A 481 -12.92 -2.24 -2.37
N GLY A 482 -14.17 -1.86 -2.10
CA GLY A 482 -14.47 -0.65 -1.35
C GLY A 482 -14.50 0.61 -2.17
N ILE A 483 -14.58 0.51 -3.49
CA ILE A 483 -14.48 1.65 -4.39
C ILE A 483 -15.87 1.99 -4.91
N LEU A 484 -16.13 3.29 -5.08
CA LEU A 484 -17.45 3.76 -5.48
C LEU A 484 -17.63 3.70 -6.99
N HIS A 485 -18.85 3.36 -7.40
CA HIS A 485 -19.27 3.42 -8.81
C HIS A 485 -20.67 3.99 -8.84
N VAL A 486 -20.81 5.17 -9.45
CA VAL A 486 -22.07 5.89 -9.51
C VAL A 486 -22.64 5.74 -10.91
N SER A 487 -23.84 5.16 -11.01
CA SER A 487 -24.56 5.08 -12.28
C SER A 487 -25.91 5.75 -12.13
N ALA A 488 -26.43 6.28 -13.22
CA ALA A 488 -27.70 7.00 -13.20
C ALA A 488 -28.66 6.37 -14.18
N LYS A 489 -29.95 6.66 -13.99
CA LYS A 489 -30.97 6.13 -14.88
C LYS A 489 -32.24 6.95 -14.73
N ASP A 490 -32.95 7.13 -15.85
CA ASP A 490 -34.25 7.79 -15.80
C ASP A 490 -35.23 6.87 -15.10
N LYS A 491 -35.85 7.36 -14.02
CA LYS A 491 -36.67 6.53 -13.16
C LYS A 491 -37.82 5.90 -13.93
N ASN A 492 -38.63 6.72 -14.58
CA ASN A 492 -39.86 6.22 -15.19
C ASN A 492 -39.56 5.36 -16.41
N SER A 493 -38.78 5.89 -17.36
CA SER A 493 -38.57 5.18 -18.61
C SER A 493 -37.58 4.03 -18.45
N GLY A 494 -36.47 4.27 -17.77
CA GLY A 494 -35.37 3.34 -17.74
C GLY A 494 -34.21 3.71 -18.64
N LYS A 495 -34.38 4.76 -19.46
CA LYS A 495 -33.27 5.24 -20.28
C LYS A 495 -32.11 5.68 -19.39
N GLU A 496 -30.91 5.21 -19.71
CA GLU A 496 -29.73 5.54 -18.94
C GLU A 496 -29.48 7.05 -18.97
N GLN A 497 -28.68 7.51 -18.01
CA GLN A 497 -28.33 8.92 -17.90
C GLN A 497 -26.81 9.03 -17.78
N LYS A 498 -26.20 9.74 -18.72
CA LYS A 498 -24.75 9.91 -18.72
C LYS A 498 -24.32 10.89 -17.63
N ILE A 499 -23.17 10.59 -17.03
CA ILE A 499 -22.67 11.30 -15.86
C ILE A 499 -21.31 11.90 -16.20
N THR A 500 -21.14 13.19 -15.90
CA THR A 500 -19.87 13.87 -16.10
C THR A 500 -19.26 14.18 -14.73
N ILE A 501 -18.07 13.65 -14.46
CA ILE A 501 -17.42 13.82 -13.17
C ILE A 501 -16.44 14.97 -13.27
N LYS A 502 -16.67 16.01 -12.48
CA LYS A 502 -15.82 17.18 -12.44
C LYS A 502 -15.28 17.40 -11.03
N ALA A 503 -14.19 18.16 -10.95
CA ALA A 503 -13.54 18.49 -9.67
C ALA A 503 -13.14 17.24 -8.90
N SER A 504 -12.78 16.18 -9.63
CA SER A 504 -12.45 14.90 -9.02
C SER A 504 -10.93 14.74 -8.96
N SER A 505 -10.50 13.62 -8.38
CA SER A 505 -9.09 13.29 -8.26
C SER A 505 -8.78 12.00 -9.00
N GLY A 506 -7.50 11.76 -9.24
CA GLY A 506 -7.01 10.52 -9.79
C GLY A 506 -6.62 10.65 -11.25
N LEU A 507 -6.07 9.55 -11.76
CA LEU A 507 -5.70 9.43 -13.17
C LEU A 507 -6.90 8.90 -13.94
N ASN A 508 -6.94 9.22 -15.23
CA ASN A 508 -7.97 8.73 -16.13
C ASN A 508 -7.36 7.74 -17.12
N GLU A 509 -8.18 7.31 -18.08
CA GLU A 509 -7.76 6.24 -18.99
C GLU A 509 -6.55 6.64 -19.82
N ASP A 510 -6.52 7.88 -20.30
CA ASP A 510 -5.40 8.33 -21.13
C ASP A 510 -4.09 8.27 -20.35
N GLU A 511 -4.03 8.99 -19.22
CA GLU A 511 -2.86 8.92 -18.34
C GLU A 511 -2.48 7.48 -18.06
N ILE A 512 -3.46 6.63 -17.75
CA ILE A 512 -3.17 5.23 -17.44
C ILE A 512 -2.44 4.57 -18.60
N GLN A 513 -3.01 4.65 -19.80
CA GLN A 513 -2.39 3.98 -20.95
C GLN A 513 -0.97 4.46 -21.18
N LYS A 514 -0.77 5.78 -21.22
CA LYS A 514 0.57 6.32 -21.44
C LYS A 514 1.54 5.79 -20.39
N MET A 515 1.13 5.79 -19.13
CA MET A 515 2.03 5.37 -18.07
C MET A 515 2.27 3.86 -18.10
N VAL A 516 1.35 3.09 -18.65
CA VAL A 516 1.61 1.68 -18.88
C VAL A 516 2.71 1.51 -19.90
N ARG A 517 2.61 2.23 -21.03
CA ARG A 517 3.65 2.13 -22.04
C ARG A 517 5.01 2.54 -21.47
N ASP A 518 5.05 3.65 -20.74
CA ASP A 518 6.31 4.08 -20.14
C ASP A 518 6.81 3.05 -19.14
N ALA A 519 5.91 2.37 -18.43
CA ALA A 519 6.34 1.33 -17.51
C ALA A 519 7.01 0.18 -18.26
N GLU A 520 6.45 -0.19 -19.42
CA GLU A 520 7.08 -1.24 -20.22
C GLU A 520 8.45 -0.81 -20.71
N ALA A 521 8.55 0.43 -21.22
CA ALA A 521 9.85 0.93 -21.68
C ALA A 521 10.88 0.89 -20.55
N ASN A 522 10.50 1.38 -19.37
CA ASN A 522 11.38 1.28 -18.21
C ASN A 522 11.74 -0.16 -17.89
N ALA A 523 10.83 -1.09 -18.17
CA ALA A 523 11.13 -2.50 -17.92
C ALA A 523 12.22 -3.00 -18.85
N GLU A 524 12.12 -2.70 -20.14
CA GLU A 524 13.18 -3.10 -21.06
C GLU A 524 14.50 -2.44 -20.68
N ALA A 525 14.46 -1.17 -20.31
CA ALA A 525 15.67 -0.48 -19.89
C ALA A 525 16.31 -1.17 -18.70
N ASP A 526 15.49 -1.59 -17.72
CA ASP A 526 16.03 -2.26 -16.55
C ASP A 526 16.59 -3.63 -16.90
N ARG A 527 15.98 -4.32 -17.87
CA ARG A 527 16.58 -5.56 -18.36
C ARG A 527 17.98 -5.28 -18.90
N LYS A 528 18.12 -4.21 -19.70
CA LYS A 528 19.44 -3.88 -20.23
C LYS A 528 20.42 -3.57 -19.09
N CYS A 529 19.94 -2.92 -18.03
CA CYS A 529 20.82 -2.64 -16.89
C CYS A 529 21.32 -3.94 -16.25
N GLU A 530 20.40 -4.88 -16.03
CA GLU A 530 20.78 -6.20 -15.51
C GLU A 530 21.84 -6.84 -16.40
N GLU A 531 21.63 -6.78 -17.72
CA GLU A 531 22.63 -7.26 -18.68
C GLU A 531 23.99 -6.63 -18.42
N LEU A 532 24.03 -5.30 -18.27
CA LEU A 532 25.31 -4.63 -18.05
C LEU A 532 25.99 -5.12 -16.78
N VAL A 533 25.20 -5.35 -15.73
CA VAL A 533 25.80 -5.88 -14.49
C VAL A 533 26.46 -7.23 -14.76
N GLN A 534 25.72 -8.14 -15.39
CA GLN A 534 26.29 -9.47 -15.64
C GLN A 534 27.53 -9.39 -16.53
N THR A 535 27.48 -8.55 -17.57
CA THR A 535 28.64 -8.38 -18.45
C THR A 535 29.84 -7.85 -17.66
N ARG A 536 29.60 -6.93 -16.74
CA ARG A 536 30.69 -6.42 -15.90
C ARG A 536 31.30 -7.56 -15.08
N ASN A 537 30.46 -8.46 -14.57
CA ASN A 537 31.00 -9.62 -13.85
C ASN A 537 31.87 -10.48 -14.77
N GLN A 538 31.37 -10.77 -15.97
CA GLN A 538 32.18 -11.54 -16.92
C GLN A 538 33.52 -10.87 -17.17
N GLY A 539 33.52 -9.54 -17.30
CA GLY A 539 34.76 -8.83 -17.52
C GLY A 539 35.74 -8.98 -16.38
N ASP A 540 35.25 -8.83 -15.15
CA ASP A 540 36.14 -9.01 -14.00
C ASP A 540 36.72 -10.42 -13.96
N HIS A 541 35.87 -11.43 -14.22
CA HIS A 541 36.36 -12.81 -14.28
C HIS A 541 37.46 -12.95 -15.33
N LEU A 542 37.27 -12.35 -16.51
CA LEU A 542 38.28 -12.44 -17.56
C LEU A 542 39.57 -11.76 -17.12
N LEU A 543 39.48 -10.59 -16.47
CA LEU A 543 40.66 -9.93 -15.95
C LEU A 543 41.44 -10.85 -15.03
N HIS A 544 40.75 -11.44 -14.06
CA HIS A 544 41.43 -12.31 -13.11
C HIS A 544 42.08 -13.50 -13.80
N SER A 545 41.31 -14.18 -14.66
CA SER A 545 41.83 -15.33 -15.39
C SER A 545 43.10 -14.97 -16.16
N THR A 546 43.06 -13.85 -16.89
CA THR A 546 44.19 -13.50 -17.75
C THR A 546 45.42 -13.15 -16.93
N ARG A 547 45.26 -12.35 -15.86
CA ARG A 547 46.41 -12.03 -15.03
C ARG A 547 47.03 -13.27 -14.41
N LYS A 548 46.18 -14.17 -13.89
CA LYS A 548 46.68 -15.43 -13.36
C LYS A 548 47.47 -16.20 -14.42
N GLN A 549 46.91 -16.32 -15.63
CA GLN A 549 47.60 -17.06 -16.69
C GLN A 549 48.93 -16.41 -17.04
N VAL A 550 49.00 -15.09 -17.00
CA VAL A 550 50.27 -14.41 -17.25
C VAL A 550 51.30 -14.80 -16.20
N GLU A 551 50.91 -14.76 -14.92
CA GLU A 551 51.87 -15.12 -13.89
C GLU A 551 52.34 -16.56 -14.03
N GLU A 552 51.41 -17.46 -14.38
CA GLU A 552 51.79 -18.85 -14.58
C GLU A 552 52.75 -18.98 -15.76
N ALA A 553 52.54 -18.19 -16.81
CA ALA A 553 53.41 -18.27 -17.99
C ALA A 553 54.80 -17.74 -17.68
N GLY A 554 54.88 -16.63 -16.95
CA GLY A 554 56.19 -16.11 -16.55
C GLY A 554 57.00 -15.63 -17.74
N ASP A 555 58.31 -15.89 -17.68
CA ASP A 555 59.22 -15.43 -18.73
C ASP A 555 58.92 -16.08 -20.08
N LYS A 556 58.16 -17.17 -20.10
CA LYS A 556 57.94 -17.95 -21.31
C LYS A 556 56.79 -17.36 -22.13
N LEU A 557 56.83 -16.04 -22.30
CA LEU A 557 55.81 -15.30 -23.03
C LEU A 557 56.47 -14.14 -23.77
N PRO A 558 56.26 -14.02 -25.06
CA PRO A 558 56.94 -12.96 -25.83
C PRO A 558 56.69 -11.58 -25.24
N ALA A 559 57.77 -10.80 -25.11
CA ALA A 559 57.67 -9.48 -24.48
C ALA A 559 56.67 -8.61 -25.21
N ASP A 560 56.62 -8.72 -26.54
CA ASP A 560 55.59 -8.02 -27.30
C ASP A 560 54.19 -8.49 -26.90
N ASP A 561 53.99 -9.80 -26.79
CA ASP A 561 52.70 -10.31 -26.36
C ASP A 561 52.34 -9.82 -24.97
N LYS A 562 53.29 -9.89 -24.03
CA LYS A 562 53.03 -9.40 -22.68
C LYS A 562 52.62 -7.93 -22.72
N THR A 563 53.36 -7.10 -23.44
CA THR A 563 53.04 -5.68 -23.54
C THR A 563 51.62 -5.48 -24.05
N ALA A 564 51.31 -6.08 -25.20
CA ALA A 564 50.00 -5.87 -25.80
C ALA A 564 48.88 -6.37 -24.89
N ILE A 565 49.07 -7.53 -24.27
CA ILE A 565 48.05 -8.05 -23.36
C ILE A 565 47.83 -7.10 -22.21
N GLU A 566 48.91 -6.54 -21.64
CA GLU A 566 48.75 -5.67 -20.48
C GLU A 566 48.03 -4.39 -20.86
N SER A 567 48.35 -3.82 -22.02
CA SER A 567 47.61 -2.67 -22.49
C SER A 567 46.13 -2.99 -22.66
N ALA A 568 45.83 -4.16 -23.25
CA ALA A 568 44.43 -4.54 -23.41
C ALA A 568 43.75 -4.71 -22.06
N LEU A 569 44.46 -5.27 -21.08
CA LEU A 569 43.92 -5.42 -19.74
C LEU A 569 43.52 -4.08 -19.16
N THR A 570 44.45 -3.12 -19.18
CA THR A 570 44.15 -1.81 -18.62
C THR A 570 42.96 -1.16 -19.32
N ALA A 571 42.93 -1.23 -20.66
CA ALA A 571 41.78 -0.72 -21.38
C ALA A 571 40.49 -1.37 -20.89
N LEU A 572 40.51 -2.69 -20.68
CA LEU A 572 39.32 -3.38 -20.22
C LEU A 572 38.92 -2.94 -18.81
N GLU A 573 39.89 -2.81 -17.91
CA GLU A 573 39.60 -2.31 -16.57
C GLU A 573 38.90 -0.96 -16.64
N THR A 574 39.39 -0.07 -17.49
CA THR A 574 38.76 1.23 -17.65
C THR A 574 37.33 1.07 -18.15
N ALA A 575 37.12 0.20 -19.13
CA ALA A 575 35.75 -0.01 -19.63
C ALA A 575 34.84 -0.58 -18.55
N LEU A 576 35.38 -1.45 -17.70
CA LEU A 576 34.60 -2.04 -16.61
C LEU A 576 34.23 -1.02 -15.56
N LYS A 577 35.03 0.03 -15.41
CA LYS A 577 34.61 1.08 -14.48
C LYS A 577 33.45 1.91 -15.01
N GLY A 578 33.19 1.88 -16.31
CA GLY A 578 32.14 2.66 -16.91
C GLY A 578 30.78 1.98 -16.85
N GLU A 579 29.86 2.50 -17.64
CA GLU A 579 28.48 2.00 -17.73
C GLU A 579 28.06 1.83 -19.19
N ASP A 580 28.97 1.34 -20.04
CA ASP A 580 28.70 1.12 -21.46
C ASP A 580 28.99 -0.33 -21.79
N LYS A 581 27.94 -1.12 -21.98
CA LYS A 581 28.11 -2.55 -22.24
C LYS A 581 28.89 -2.79 -23.54
N ALA A 582 28.63 -1.98 -24.56
CA ALA A 582 29.29 -2.17 -25.85
C ALA A 582 30.79 -2.01 -25.72
N ALA A 583 31.23 -0.96 -25.03
CA ALA A 583 32.67 -0.75 -24.87
C ALA A 583 33.31 -1.89 -24.08
N ILE A 584 32.61 -2.39 -23.06
CA ILE A 584 33.16 -3.48 -22.27
C ILE A 584 33.32 -4.72 -23.14
N GLU A 585 32.28 -5.07 -23.90
CA GLU A 585 32.37 -6.24 -24.75
C GLU A 585 33.47 -6.09 -25.79
N ALA A 586 33.58 -4.90 -26.39
CA ALA A 586 34.65 -4.66 -27.35
C ALA A 586 36.01 -4.90 -26.71
N LYS A 587 36.25 -4.28 -25.55
CA LYS A 587 37.56 -4.43 -24.90
C LYS A 587 37.83 -5.88 -24.53
N MET A 588 36.79 -6.63 -24.12
CA MET A 588 36.97 -8.05 -23.86
C MET A 588 37.43 -8.78 -25.11
N GLN A 589 36.75 -8.54 -26.23
CA GLN A 589 37.12 -9.21 -27.48
C GLN A 589 38.56 -8.91 -27.85
N GLU A 590 38.94 -7.63 -27.83
CA GLU A 590 40.32 -7.26 -28.12
C GLU A 590 41.29 -8.01 -27.22
N LEU A 591 40.99 -8.05 -25.92
CA LEU A 591 41.85 -8.76 -24.98
C LEU A 591 42.00 -10.23 -25.35
N ALA A 592 40.91 -10.87 -25.81
CA ALA A 592 41.01 -12.26 -26.21
C ALA A 592 41.92 -12.42 -27.41
N GLN A 593 41.69 -11.60 -28.46
CA GLN A 593 42.53 -11.62 -29.65
C GLN A 593 44.01 -11.56 -29.27
N VAL A 594 44.36 -10.65 -28.35
CA VAL A 594 45.79 -10.51 -28.04
C VAL A 594 46.29 -11.63 -27.13
N SER A 595 45.42 -12.22 -26.30
CA SER A 595 45.84 -13.28 -25.37
C SER A 595 45.71 -14.69 -25.96
N GLN A 596 45.45 -14.78 -27.27
CA GLN A 596 45.47 -16.06 -27.98
C GLN A 596 46.68 -16.93 -27.63
N LYS A 597 47.89 -16.34 -27.64
CA LYS A 597 49.09 -17.13 -27.35
C LYS A 597 49.03 -17.74 -25.95
N LEU A 598 48.56 -16.97 -24.97
CA LEU A 598 48.43 -17.47 -23.61
C LEU A 598 47.49 -18.66 -23.56
N MET A 599 46.27 -18.49 -24.09
CA MET A 599 45.32 -19.60 -24.09
C MET A 599 45.88 -20.82 -24.81
N GLU A 600 46.73 -20.60 -25.81
CA GLU A 600 47.46 -21.70 -26.42
C GLU A 600 48.43 -22.34 -25.43
N ILE A 601 49.08 -21.50 -24.61
CA ILE A 601 50.10 -22.00 -23.69
C ILE A 601 49.50 -22.92 -22.64
N ALA A 602 48.22 -22.71 -22.29
CA ALA A 602 47.53 -23.60 -21.35
C ALA A 602 47.85 -25.08 -21.58
N GLN A 603 47.46 -25.62 -22.73
CA GLN A 603 47.89 -26.95 -23.19
C GLN A 603 47.47 -28.08 -22.24
N GLN A 604 46.50 -27.84 -21.37
CA GLN A 604 46.01 -28.86 -20.43
C GLN A 604 47.13 -29.44 -19.58
N LYS B 3 -38.73 -5.30 -4.15
CA LYS B 3 -40.12 -5.63 -4.48
C LYS B 3 -40.51 -6.97 -3.88
N GLN B 4 -39.55 -7.89 -3.82
CA GLN B 4 -39.79 -9.21 -3.27
C GLN B 4 -39.82 -9.15 -1.75
N ASP B 5 -40.61 -10.04 -1.15
CA ASP B 5 -40.70 -10.10 0.30
C ASP B 5 -39.32 -10.35 0.91
N TYR B 6 -38.94 -9.49 1.85
CA TYR B 6 -37.71 -9.66 2.63
C TYR B 6 -37.61 -11.06 3.19
N TYR B 7 -38.55 -11.37 4.09
CA TYR B 7 -38.60 -12.66 4.78
C TYR B 7 -38.45 -13.83 3.82
N GLU B 8 -39.12 -13.77 2.67
CA GLU B 8 -39.20 -14.93 1.79
C GLU B 8 -37.92 -15.17 1.00
N ILE B 9 -37.18 -14.11 0.62
CA ILE B 9 -35.96 -14.35 -0.14
C ILE B 9 -34.90 -14.97 0.76
N LEU B 10 -34.90 -14.64 2.05
CA LEU B 10 -34.07 -15.38 2.99
C LEU B 10 -34.74 -16.69 3.41
N GLY B 11 -36.07 -16.73 3.38
CA GLY B 11 -36.81 -17.91 3.79
C GLY B 11 -36.92 -18.05 5.30
N VAL B 12 -37.69 -17.18 5.94
CA VAL B 12 -37.81 -17.15 7.39
C VAL B 12 -39.28 -17.18 7.78
N SER B 13 -39.52 -17.55 9.04
CA SER B 13 -40.87 -17.75 9.57
C SER B 13 -41.67 -16.46 9.65
N LYS B 14 -41.04 -15.29 9.50
CA LYS B 14 -41.58 -13.94 9.64
C LYS B 14 -41.74 -13.53 11.10
N THR B 15 -41.63 -14.45 12.05
CA THR B 15 -41.60 -14.11 13.46
C THR B 15 -40.36 -14.64 14.16
N ALA B 16 -39.49 -15.33 13.43
CA ALA B 16 -38.26 -15.84 14.02
C ALA B 16 -37.39 -14.70 14.52
N GLU B 17 -36.56 -14.99 15.52
CA GLU B 17 -35.83 -13.93 16.20
C GLU B 17 -34.53 -13.59 15.43
N GLU B 18 -33.95 -12.43 15.81
CA GLU B 18 -32.75 -11.91 15.15
C GLU B 18 -31.66 -12.96 15.04
N ARG B 19 -31.49 -13.82 16.05
CA ARG B 19 -30.38 -14.77 16.03
C ARG B 19 -30.46 -15.69 14.82
N GLU B 20 -31.67 -16.11 14.45
CA GLU B 20 -31.83 -17.03 13.33
C GLU B 20 -31.60 -16.32 11.99
N ILE B 21 -32.19 -15.13 11.81
CA ILE B 21 -32.04 -14.41 10.54
C ILE B 21 -30.56 -14.13 10.27
N ARG B 22 -29.74 -14.03 11.32
CA ARG B 22 -28.30 -13.85 11.14
C ARG B 22 -27.67 -15.11 10.60
N LYS B 23 -28.05 -16.27 11.15
CA LYS B 23 -27.59 -17.56 10.63
C LYS B 23 -27.93 -17.69 9.15
N ALA B 24 -29.16 -17.32 8.78
CA ALA B 24 -29.58 -17.42 7.38
C ALA B 24 -28.80 -16.48 6.51
N TYR B 25 -28.56 -15.25 7.00
CA TYR B 25 -27.80 -14.28 6.21
C TYR B 25 -26.40 -14.81 5.89
N LYS B 26 -25.71 -15.35 6.91
CA LYS B 26 -24.33 -15.77 6.71
C LYS B 26 -24.22 -16.88 5.66
N ARG B 27 -25.15 -17.84 5.69
CA ARG B 27 -25.10 -18.93 4.71
C ARG B 27 -25.51 -18.43 3.32
N LEU B 28 -26.46 -17.51 3.27
CA LEU B 28 -26.84 -16.92 1.98
C LEU B 28 -25.74 -16.02 1.45
N ALA B 29 -25.11 -15.23 2.32
CA ALA B 29 -23.94 -14.45 1.93
C ALA B 29 -22.84 -15.35 1.37
N MET B 30 -22.72 -16.56 1.92
CA MET B 30 -21.78 -17.53 1.36
C MET B 30 -22.17 -17.90 -0.06
N LYS B 31 -23.47 -18.18 -0.28
CA LYS B 31 -23.94 -18.71 -1.56
C LYS B 31 -23.82 -17.68 -2.67
N TYR B 32 -24.12 -16.41 -2.37
CA TYR B 32 -24.30 -15.39 -3.39
C TYR B 32 -23.22 -14.32 -3.41
N HIS B 33 -22.17 -14.44 -2.58
CA HIS B 33 -21.12 -13.45 -2.58
C HIS B 33 -20.39 -13.46 -3.92
N PRO B 34 -20.19 -12.32 -4.57
CA PRO B 34 -19.30 -12.29 -5.75
C PRO B 34 -17.91 -12.82 -5.45
N ASP B 35 -17.29 -12.36 -4.36
CA ASP B 35 -15.97 -12.78 -3.91
C ASP B 35 -15.81 -14.29 -3.93
N ARG B 36 -16.83 -15.02 -3.48
CA ARG B 36 -16.74 -16.46 -3.39
C ARG B 36 -16.75 -17.11 -4.77
N ASN B 37 -17.78 -16.84 -5.57
CA ASN B 37 -17.86 -17.47 -6.89
C ASN B 37 -16.91 -16.81 -7.88
N GLN B 38 -16.74 -15.48 -7.80
CA GLN B 38 -15.88 -14.67 -8.68
C GLN B 38 -16.51 -14.54 -10.06
N GLY B 39 -17.73 -15.06 -10.25
CA GLY B 39 -18.20 -15.30 -11.59
C GLY B 39 -18.70 -14.03 -12.29
N ASP B 40 -19.63 -13.32 -11.65
CA ASP B 40 -20.45 -12.34 -12.35
C ASP B 40 -20.92 -11.28 -11.38
N LYS B 41 -21.51 -10.23 -11.95
CA LYS B 41 -22.27 -9.22 -11.20
C LYS B 41 -23.63 -9.74 -10.75
N GLU B 42 -24.14 -10.80 -11.38
CA GLU B 42 -25.44 -11.32 -11.02
C GLU B 42 -25.49 -11.73 -9.55
N ALA B 43 -24.44 -12.41 -9.09
CA ALA B 43 -24.37 -12.79 -7.67
C ALA B 43 -24.21 -11.56 -6.80
N GLU B 44 -23.36 -10.61 -7.19
CA GLU B 44 -23.20 -9.41 -6.37
C GLU B 44 -24.48 -8.60 -6.33
N ALA B 45 -25.24 -8.61 -7.43
CA ALA B 45 -26.52 -7.90 -7.45
C ALA B 45 -27.54 -8.58 -6.55
N LYS B 46 -27.60 -9.91 -6.59
CA LYS B 46 -28.47 -10.64 -5.68
C LYS B 46 -28.00 -10.50 -4.24
N PHE B 47 -26.69 -10.69 -4.01
CA PHE B 47 -26.15 -10.62 -2.65
C PHE B 47 -26.49 -9.28 -1.99
N LYS B 48 -26.33 -8.19 -2.73
CA LYS B 48 -26.63 -6.86 -2.18
C LYS B 48 -28.04 -6.79 -1.61
N GLU B 49 -28.97 -7.57 -2.18
CA GLU B 49 -30.34 -7.56 -1.67
C GLU B 49 -30.49 -8.46 -0.44
N ILE B 50 -29.80 -9.61 -0.43
CA ILE B 50 -29.81 -10.46 0.75
C ILE B 50 -29.27 -9.70 1.95
N LYS B 51 -28.21 -8.91 1.74
CA LYS B 51 -27.75 -7.99 2.78
C LYS B 51 -28.87 -7.05 3.20
N GLU B 52 -29.41 -6.28 2.25
CA GLU B 52 -30.44 -5.28 2.48
C GLU B 52 -31.60 -5.83 3.30
N ALA B 53 -31.92 -7.11 3.10
CA ALA B 53 -32.95 -7.75 3.91
C ALA B 53 -32.43 -8.06 5.31
N TYR B 54 -31.17 -8.50 5.42
CA TYR B 54 -30.58 -8.77 6.73
C TYR B 54 -30.47 -7.49 7.56
N GLU B 55 -30.28 -6.35 6.89
CA GLU B 55 -30.07 -5.09 7.60
C GLU B 55 -31.40 -4.56 8.12
N VAL B 56 -32.47 -4.70 7.34
CA VAL B 56 -33.76 -4.17 7.76
C VAL B 56 -34.39 -5.04 8.85
N LEU B 57 -34.11 -6.35 8.83
CA LEU B 57 -34.76 -7.28 9.75
C LEU B 57 -34.08 -7.37 11.13
N THR B 58 -32.79 -6.99 11.24
CA THR B 58 -32.13 -6.91 12.54
C THR B 58 -32.50 -5.65 13.30
N ASP B 59 -32.87 -4.57 12.62
CA ASP B 59 -33.38 -3.37 13.27
C ASP B 59 -34.81 -3.61 13.71
N SER B 60 -35.09 -3.33 14.99
CA SER B 60 -36.41 -3.63 15.54
C SER B 60 -37.50 -2.78 14.91
N GLN B 61 -37.31 -1.46 14.89
CA GLN B 61 -38.35 -0.55 14.40
C GLN B 61 -38.59 -0.73 12.91
N LYS B 62 -37.52 -0.79 12.12
CA LYS B 62 -37.69 -0.96 10.67
C LYS B 62 -38.28 -2.34 10.36
N ARG B 63 -38.12 -3.31 11.24
CA ARG B 63 -38.75 -4.60 11.03
C ARG B 63 -40.25 -4.51 11.22
N ALA B 64 -40.69 -3.74 12.24
CA ALA B 64 -42.11 -3.50 12.41
C ALA B 64 -42.71 -2.86 11.17
N ALA B 65 -41.95 -1.99 10.50
CA ALA B 65 -42.42 -1.37 9.26
C ALA B 65 -42.41 -2.35 8.07
PG ATP C . 2.20 0.52 6.47
O1G ATP C . 1.61 -0.82 6.81
O2G ATP C . 2.02 0.93 5.01
O3G ATP C . 1.88 1.62 7.46
PB ATP C . 4.49 -1.13 6.61
O1B ATP C . 5.57 -1.15 5.55
O2B ATP C . 3.42 -2.20 6.62
O3B ATP C . 3.80 0.32 6.63
PA ATP C . 5.94 -2.38 8.61
O1A ATP C . 6.83 -2.98 7.54
O2A ATP C . 4.89 -3.26 9.26
O3A ATP C . 5.22 -1.09 8.03
O5' ATP C . 6.84 -1.71 9.75
C5' ATP C . 7.59 -0.54 9.42
C4' ATP C . 7.86 0.32 10.65
O4' ATP C . 8.10 -0.49 11.79
C3' ATP C . 9.10 1.18 10.47
O3' ATP C . 8.77 2.56 10.61
C2' ATP C . 10.05 0.77 11.58
O2' ATP C . 10.65 1.90 12.18
C1' ATP C . 9.17 0.04 12.56
N9 ATP C . 9.91 -1.03 13.28
C8 ATP C . 10.43 -2.15 12.76
N7 ATP C . 11.04 -2.90 13.72
C5 ATP C . 10.89 -2.25 14.88
C6 ATP C . 11.29 -2.47 16.29
N6 ATP C . 11.98 -3.58 16.64
N1 ATP C . 10.96 -1.55 17.20
C2 ATP C . 10.28 -0.45 16.84
N3 ATP C . 9.88 -0.18 15.60
C4 ATP C . 10.16 -1.02 14.58
MG MG D . 1.46 -3.08 6.63
#